data_4E8D
#
_entry.id   4E8D
#
_cell.length_a   79.971
_cell.length_b   79.300
_cell.length_c   99.387
_cell.angle_alpha   90.00
_cell.angle_beta   106.94
_cell.angle_gamma   90.00
#
_symmetry.space_group_name_H-M   'P 1 21 1'
#
loop_
_entity.id
_entity.type
_entity.pdbx_description
1 polymer 'Glycosyl hydrolase, family 35'
2 non-polymer GLYCEROL
3 water water
#
_entity_poly.entity_id   1
_entity_poly.type   'polypeptide(L)'
_entity_poly.pdbx_seq_one_letter_code
;MTRFEIRDDFYLDGKSFKILSGAIHYFRVPPEDWYHSLYNLKALGFNTVETYVAWNLHEPCEGEFHFEGDLDLEKFLQIA
QDLGLYAIVRPSPFICAEWEFGGLPAWLLTKNMRIRSSDPAYIEAVGRYYDQLLPRLVPRLLDNGGNILMMQVENEYGSY
GEDKAYLRAIRQLMEECGVTCPLFTSDGPWRATLKAGTLIEEDLFVTGNFGSKAPYNFSQMQEFFDEHGKKWPLMCMEFW
DGWFNRWKEPIITRDPKELADAVREVLEQGSINLYMFHGGTNFGFMNGCSARGTLDLPQVTSYDYDALLDEEGNPTAKYL
AVKKMMATHFSEYPQLEPLYKESMELDAIPLVEKVSLFETLDSLSSPVESLYPQKMEELGQSYGYLLYRTETNWDAEEER
LRIIDGRDRAQLYVDGQWVKTQYQTEIGEDIFYQGKKKGLSRLDILIENMGRVNYGHKFLADTQRKGIRTGVCKDLHFLL
NWKHYPLPLDNPEKIDFSKGWTQGQPAFYAYDFTVEEPKDTYLDLSEFGKGVAFVNGQNLGRFWNVGPTLSLYIPHSYLK
EGANRIIIFETEGQYKEEIHLTRKPTLKHIKGENL
;
_entity_poly.pdbx_strand_id   A,B
#
loop_
_chem_comp.id
_chem_comp.type
_chem_comp.name
_chem_comp.formula
GOL non-polymer GLYCEROL 'C3 H8 O3'
#
# COMPACT_ATOMS: atom_id res chain seq x y z
N THR A 2 32.84 -1.83 -40.26
CA THR A 2 31.96 -0.88 -39.53
C THR A 2 32.68 0.45 -39.37
N ARG A 3 31.92 1.53 -39.20
CA ARG A 3 32.52 2.85 -39.08
C ARG A 3 32.87 3.21 -37.64
N PHE A 4 32.12 2.65 -36.69
CA PHE A 4 32.36 2.95 -35.28
C PHE A 4 32.43 1.66 -34.48
N GLU A 5 33.50 1.50 -33.72
CA GLU A 5 33.64 0.32 -32.87
C GLU A 5 34.31 0.65 -31.54
N ILE A 6 34.02 -0.17 -30.54
CA ILE A 6 34.64 -0.03 -29.24
C ILE A 6 35.66 -1.13 -29.08
N ARG A 7 36.93 -0.75 -28.98
CA ARG A 7 37.98 -1.70 -28.69
C ARG A 7 38.70 -1.23 -27.44
N ASP A 8 40.02 -1.13 -27.49
CA ASP A 8 40.76 -0.55 -26.38
C ASP A 8 40.42 0.92 -26.30
N ASP A 9 39.72 1.41 -27.32
CA ASP A 9 39.34 2.82 -27.40
C ASP A 9 38.15 2.91 -28.34
N PHE A 10 37.51 4.09 -28.38
CA PHE A 10 36.52 4.36 -29.41
C PHE A 10 37.27 4.62 -30.71
N TYR A 11 36.88 3.92 -31.77
CA TYR A 11 37.45 4.16 -33.09
C TYR A 11 36.37 4.57 -34.07
N LEU A 12 36.57 5.71 -34.71
CA LEU A 12 35.66 6.21 -35.72
C LEU A 12 36.37 6.24 -37.06
N ASP A 13 35.87 5.47 -38.01
CA ASP A 13 36.54 5.31 -39.29
C ASP A 13 38.03 5.03 -39.10
N GLY A 14 38.34 4.11 -38.19
CA GLY A 14 39.71 3.63 -38.00
C GLY A 14 40.62 4.51 -37.17
N LYS A 15 40.07 5.59 -36.61
CA LYS A 15 40.86 6.55 -35.87
C LYS A 15 40.30 6.70 -34.46
N SER A 16 41.18 6.84 -33.47
CA SER A 16 40.72 7.00 -32.10
C SER A 16 39.85 8.24 -31.97
N PHE A 17 38.81 8.15 -31.16
CA PHE A 17 37.79 9.18 -31.12
C PHE A 17 37.39 9.48 -29.66
N LYS A 18 37.43 10.74 -29.28
CA LYS A 18 36.89 11.17 -28.00
C LYS A 18 35.47 11.67 -28.22
N ILE A 19 34.53 11.12 -27.48
CA ILE A 19 33.15 11.56 -27.61
C ILE A 19 32.95 12.74 -26.65
N LEU A 20 32.52 13.87 -27.21
CA LEU A 20 32.18 15.04 -26.44
C LEU A 20 30.69 15.25 -26.66
N SER A 21 29.89 14.74 -25.73
CA SER A 21 28.45 14.74 -25.92
C SER A 21 27.77 15.67 -24.92
N GLY A 22 26.59 16.15 -25.30
CA GLY A 22 25.75 16.90 -24.38
C GLY A 22 24.33 16.38 -24.47
N ALA A 23 23.66 16.30 -23.33
CA ALA A 23 22.27 15.82 -23.29
C ALA A 23 21.27 16.93 -23.62
N ILE A 24 20.46 16.68 -24.64
CA ILE A 24 19.30 17.51 -24.95
C ILE A 24 18.15 16.55 -25.22
N HIS A 25 17.07 16.68 -24.46
CA HIS A 25 15.93 15.80 -24.65
C HIS A 25 14.94 16.43 -25.61
N TYR A 26 14.74 15.80 -26.76
CA TYR A 26 13.90 16.40 -27.81
C TYR A 26 12.53 16.75 -27.26
N PHE A 27 12.06 15.95 -26.30
CA PHE A 27 10.70 16.11 -25.78
C PHE A 27 10.58 17.21 -24.72
N ARG A 28 11.70 17.85 -24.39
CA ARG A 28 11.71 18.93 -23.40
C ARG A 28 12.02 20.29 -24.03
N VAL A 29 12.22 20.29 -25.34
CA VAL A 29 12.56 21.50 -26.05
C VAL A 29 11.62 21.56 -27.24
N PRO A 30 10.97 22.71 -27.47
CA PRO A 30 10.06 22.76 -28.61
C PRO A 30 10.83 22.57 -29.91
N PRO A 31 10.21 21.90 -30.89
CA PRO A 31 10.93 21.50 -32.10
C PRO A 31 11.50 22.71 -32.83
N GLU A 32 10.83 23.86 -32.69
CA GLU A 32 11.28 25.10 -33.32
C GLU A 32 12.66 25.53 -32.81
N ASP A 33 13.00 25.08 -31.60
CA ASP A 33 14.26 25.45 -30.98
C ASP A 33 15.28 24.31 -30.98
N TRP A 34 14.98 23.22 -31.66
CA TRP A 34 15.94 22.11 -31.74
C TRP A 34 17.24 22.54 -32.41
N TYR A 35 17.12 23.24 -33.53
CA TYR A 35 18.31 23.74 -34.23
C TYR A 35 19.15 24.62 -33.30
N HIS A 36 18.47 25.54 -32.61
CA HIS A 36 19.12 26.46 -31.71
C HIS A 36 19.97 25.74 -30.67
N SER A 37 19.40 24.75 -30.01
CA SER A 37 20.10 24.08 -28.93
C SER A 37 21.24 23.23 -29.46
N LEU A 38 20.98 22.51 -30.54
CA LEU A 38 22.00 21.68 -31.16
C LEU A 38 23.14 22.52 -31.71
N TYR A 39 22.81 23.68 -32.28
CA TYR A 39 23.84 24.57 -32.77
C TYR A 39 24.75 25.01 -31.64
N ASN A 40 24.15 25.36 -30.51
CA ASN A 40 24.92 25.81 -29.36
C ASN A 40 25.80 24.71 -28.78
N LEU A 41 25.36 23.47 -28.93
CA LEU A 41 26.17 22.34 -28.52
C LEU A 41 27.38 22.23 -29.45
N LYS A 42 27.13 22.27 -30.75
CA LYS A 42 28.22 22.28 -31.72
C LYS A 42 29.18 23.44 -31.46
N ALA A 43 28.63 24.59 -31.12
CA ALA A 43 29.43 25.81 -30.94
C ALA A 43 30.43 25.65 -29.80
N LEU A 44 30.09 24.83 -28.82
CA LEU A 44 30.94 24.60 -27.67
C LEU A 44 32.20 23.82 -28.05
N GLY A 45 32.19 23.21 -29.23
CA GLY A 45 33.29 22.34 -29.66
C GLY A 45 32.97 20.87 -29.50
N PHE A 46 31.76 20.59 -29.00
CA PHE A 46 31.33 19.21 -28.78
C PHE A 46 30.90 18.55 -30.09
N ASN A 47 30.93 17.22 -30.12
CA ASN A 47 30.70 16.52 -31.39
C ASN A 47 29.49 15.59 -31.42
N THR A 48 28.78 15.51 -30.30
CA THR A 48 27.73 14.50 -30.16
C THR A 48 26.58 15.03 -29.31
N VAL A 49 25.34 14.69 -29.69
CA VAL A 49 24.20 14.93 -28.82
C VAL A 49 23.67 13.59 -28.29
N GLU A 50 23.18 13.61 -27.06
CA GLU A 50 22.57 12.42 -26.48
C GLU A 50 21.14 12.71 -26.03
N THR A 51 20.25 11.76 -26.24
CA THR A 51 18.89 11.92 -25.74
C THR A 51 18.26 10.60 -25.33
N TYR A 52 17.42 10.68 -24.31
CA TYR A 52 16.53 9.57 -23.97
C TYR A 52 15.42 9.53 -25.00
N VAL A 53 14.67 8.44 -25.01
CA VAL A 53 13.41 8.37 -25.75
C VAL A 53 12.34 8.07 -24.70
N ALA A 54 11.25 8.84 -24.70
CA ALA A 54 10.23 8.69 -23.67
C ALA A 54 9.06 7.80 -24.11
N TRP A 55 9.01 6.58 -23.58
CA TRP A 55 8.01 5.63 -24.02
C TRP A 55 6.61 6.18 -23.75
N ASN A 56 6.43 6.79 -22.57
CA ASN A 56 5.11 7.30 -22.20
C ASN A 56 4.60 8.45 -23.07
N LEU A 57 5.47 9.07 -23.83
CA LEU A 57 5.04 10.05 -24.83
C LEU A 57 4.66 9.37 -26.14
N HIS A 58 5.47 8.39 -26.54
CA HIS A 58 5.30 7.76 -27.85
C HIS A 58 4.16 6.74 -27.90
N GLU A 59 3.83 6.13 -26.75
CA GLU A 59 2.69 5.22 -26.68
C GLU A 59 1.77 5.62 -25.52
N PRO A 60 1.06 6.76 -25.68
CA PRO A 60 0.20 7.35 -24.65
C PRO A 60 -0.95 6.45 -24.26
N CYS A 61 -1.43 5.65 -25.21
CA CYS A 61 -2.43 4.61 -24.97
C CYS A 61 -1.93 3.36 -25.66
N GLU A 62 -2.15 2.20 -25.04
CA GLU A 62 -1.59 0.98 -25.61
C GLU A 62 -2.01 0.81 -27.06
N GLY A 63 -1.03 0.56 -27.94
CA GLY A 63 -1.31 0.34 -29.35
C GLY A 63 -1.42 1.62 -30.15
N GLU A 64 -1.40 2.76 -29.46
CA GLU A 64 -1.49 4.06 -30.13
C GLU A 64 -0.14 4.77 -30.09
N PHE A 65 0.49 4.91 -31.24
CA PHE A 65 1.86 5.43 -31.31
C PHE A 65 1.95 6.79 -31.99
N HIS A 66 2.80 7.65 -31.44
CA HIS A 66 2.96 9.01 -31.93
C HIS A 66 4.43 9.36 -32.07
N PHE A 67 4.84 9.76 -33.27
CA PHE A 67 6.23 10.09 -33.56
C PHE A 67 6.37 11.37 -34.39
N GLU A 68 5.36 12.21 -34.35
CA GLU A 68 5.32 13.43 -35.16
C GLU A 68 5.44 14.67 -34.28
N GLY A 69 5.66 15.82 -34.91
CA GLY A 69 5.63 17.11 -34.22
C GLY A 69 6.64 17.22 -33.09
N ASP A 70 6.15 17.52 -31.89
CA ASP A 70 7.01 17.65 -30.71
C ASP A 70 7.71 16.34 -30.40
N LEU A 71 7.22 15.25 -30.99
CA LEU A 71 7.76 13.92 -30.72
C LEU A 71 8.56 13.34 -31.88
N ASP A 72 8.90 14.18 -32.85
CA ASP A 72 9.59 13.72 -34.07
C ASP A 72 11.08 13.52 -33.82
N LEU A 73 11.42 12.45 -33.12
CA LEU A 73 12.79 12.13 -32.79
C LEU A 73 13.65 12.01 -34.05
N GLU A 74 13.06 11.50 -35.12
CA GLU A 74 13.79 11.37 -36.38
C GLU A 74 14.26 12.73 -36.88
N LYS A 75 13.39 13.74 -36.78
CA LYS A 75 13.71 15.09 -37.22
C LYS A 75 14.82 15.68 -36.35
N PHE A 76 14.73 15.45 -35.05
CA PHE A 76 15.73 15.91 -34.10
C PHE A 76 17.10 15.35 -34.50
N LEU A 77 17.15 14.05 -34.77
CA LEU A 77 18.40 13.41 -35.17
C LEU A 77 18.91 13.95 -36.50
N GLN A 78 17.99 14.18 -37.43
CA GLN A 78 18.36 14.73 -38.73
C GLN A 78 18.96 16.14 -38.58
N ILE A 79 18.37 16.96 -37.72
CA ILE A 79 18.91 18.30 -37.53
C ILE A 79 20.33 18.22 -36.98
N ALA A 80 20.53 17.31 -36.03
CA ALA A 80 21.86 17.08 -35.48
C ALA A 80 22.84 16.66 -36.58
N GLN A 81 22.42 15.72 -37.41
CA GLN A 81 23.27 15.25 -38.51
C GLN A 81 23.59 16.40 -39.47
N ASP A 82 22.59 17.22 -39.76
CA ASP A 82 22.78 18.39 -40.63
C ASP A 82 23.84 19.35 -40.09
N LEU A 83 23.92 19.43 -38.76
CA LEU A 83 24.93 20.26 -38.09
C LEU A 83 26.27 19.56 -37.91
N GLY A 84 26.36 18.31 -38.37
CA GLY A 84 27.59 17.54 -38.27
C GLY A 84 27.81 16.92 -36.91
N LEU A 85 26.73 16.75 -36.15
CA LEU A 85 26.82 16.12 -34.84
C LEU A 85 26.51 14.63 -34.91
N TYR A 86 27.21 13.84 -34.10
CA TYR A 86 26.86 12.45 -33.91
C TYR A 86 25.77 12.36 -32.86
N ALA A 87 25.22 11.17 -32.65
CA ALA A 87 24.14 11.00 -31.70
C ALA A 87 24.32 9.71 -30.88
N ILE A 88 23.98 9.81 -29.60
CA ILE A 88 23.83 8.64 -28.76
C ILE A 88 22.38 8.61 -28.33
N VAL A 89 21.71 7.48 -28.52
CA VAL A 89 20.29 7.39 -28.17
C VAL A 89 20.12 6.39 -27.05
N ARG A 90 19.31 6.77 -26.06
CA ARG A 90 19.10 5.92 -24.89
C ARG A 90 17.62 5.60 -24.79
N PRO A 91 17.18 4.57 -25.53
CA PRO A 91 15.77 4.23 -25.72
C PRO A 91 15.27 3.19 -24.74
N SER A 92 15.68 3.31 -23.49
CA SER A 92 15.28 2.36 -22.47
C SER A 92 13.79 2.52 -22.17
N PRO A 93 13.10 1.41 -21.86
CA PRO A 93 11.71 1.57 -21.44
C PRO A 93 11.65 2.46 -20.21
N PHE A 94 12.66 2.36 -19.35
CA PHE A 94 12.79 3.19 -18.16
C PHE A 94 13.95 4.14 -18.35
N ILE A 95 13.68 5.45 -18.26
CA ILE A 95 14.74 6.44 -18.49
C ILE A 95 15.08 7.25 -17.24
N CYS A 96 14.28 7.09 -16.19
CA CYS A 96 14.44 7.87 -14.96
C CYS A 96 14.20 9.35 -15.27
N ALA A 97 15.28 10.11 -15.43
CA ALA A 97 15.25 11.40 -16.12
C ALA A 97 14.41 12.49 -15.47
N GLU A 98 14.10 12.35 -14.19
CA GLU A 98 13.21 13.31 -13.52
C GLU A 98 11.96 13.48 -14.38
N TRP A 99 11.42 12.36 -14.81
CA TRP A 99 10.32 12.33 -15.77
C TRP A 99 9.23 11.39 -15.25
N GLU A 100 7.97 11.74 -15.50
CA GLU A 100 6.82 10.97 -14.99
C GLU A 100 7.04 9.45 -15.05
N PHE A 101 7.00 8.78 -13.90
CA PHE A 101 7.07 7.32 -13.83
C PHE A 101 8.33 6.80 -14.53
N GLY A 102 9.35 7.65 -14.61
CA GLY A 102 10.61 7.27 -15.24
C GLY A 102 10.44 6.89 -16.70
N GLY A 103 9.41 7.46 -17.34
CA GLY A 103 9.13 7.21 -18.75
C GLY A 103 8.17 6.07 -19.08
N LEU A 104 7.82 5.27 -18.06
CA LEU A 104 6.91 4.15 -18.29
C LEU A 104 5.49 4.67 -18.48
N PRO A 105 4.78 4.13 -19.47
CA PRO A 105 3.37 4.46 -19.67
C PRO A 105 2.55 4.08 -18.43
N ALA A 106 1.67 4.98 -18.02
CA ALA A 106 0.90 4.76 -16.79
C ALA A 106 -0.07 3.59 -16.93
N TRP A 107 -0.47 3.31 -18.16
CA TRP A 107 -1.41 2.21 -18.40
C TRP A 107 -0.80 0.83 -18.09
N LEU A 108 0.52 0.77 -17.95
CA LEU A 108 1.14 -0.48 -17.54
C LEU A 108 0.67 -0.87 -16.14
N LEU A 109 0.22 0.13 -15.37
CA LEU A 109 -0.25 -0.12 -14.01
C LEU A 109 -1.58 -0.86 -13.98
N THR A 110 -2.21 -1.02 -15.13
CA THR A 110 -3.47 -1.75 -15.19
C THR A 110 -3.22 -3.19 -15.64
N LYS A 111 -1.98 -3.52 -15.93
CA LYS A 111 -1.65 -4.83 -16.49
C LYS A 111 -1.16 -5.81 -15.43
N ASN A 112 -1.37 -7.10 -15.69
CA ASN A 112 -0.84 -8.13 -14.82
C ASN A 112 0.56 -8.46 -15.25
N MET A 113 1.54 -7.75 -14.69
CA MET A 113 2.91 -7.90 -15.07
C MET A 113 3.79 -7.29 -14.00
N ARG A 114 5.04 -7.75 -13.93
CA ARG A 114 6.01 -7.13 -13.05
C ARG A 114 6.84 -6.16 -13.87
N ILE A 115 6.53 -4.88 -13.72
CA ILE A 115 7.19 -3.85 -14.50
C ILE A 115 8.68 -3.81 -14.20
N ARG A 116 9.48 -3.55 -15.24
CA ARG A 116 10.93 -3.43 -15.10
C ARG A 116 11.58 -4.69 -14.52
N SER A 117 11.30 -5.83 -15.16
CA SER A 117 11.83 -7.12 -14.75
C SER A 117 11.88 -8.02 -15.98
N SER A 118 12.34 -9.25 -15.79
CA SER A 118 12.39 -10.23 -16.89
C SER A 118 11.02 -10.87 -17.16
N ASP A 119 9.99 -10.42 -16.46
CA ASP A 119 8.63 -10.91 -16.72
C ASP A 119 8.30 -10.78 -18.21
N PRO A 120 7.99 -11.91 -18.87
CA PRO A 120 7.67 -11.91 -20.29
C PRO A 120 6.54 -10.94 -20.66
N ALA A 121 5.55 -10.78 -19.78
CA ALA A 121 4.46 -9.86 -20.07
C ALA A 121 5.00 -8.45 -20.27
N TYR A 122 5.93 -8.06 -19.41
CA TYR A 122 6.53 -6.74 -19.52
C TYR A 122 7.44 -6.64 -20.73
N ILE A 123 8.29 -7.65 -20.91
CA ILE A 123 9.21 -7.67 -22.04
C ILE A 123 8.44 -7.62 -23.36
N GLU A 124 7.30 -8.28 -23.39
CA GLU A 124 6.48 -8.30 -24.61
C GLU A 124 5.90 -6.92 -24.91
N ALA A 125 5.58 -6.15 -23.88
CA ALA A 125 5.10 -4.79 -24.05
C ALA A 125 6.22 -3.90 -24.59
N VAL A 126 7.43 -4.05 -24.02
CA VAL A 126 8.58 -3.30 -24.50
C VAL A 126 8.84 -3.67 -25.96
N GLY A 127 8.73 -4.96 -26.26
CA GLY A 127 8.96 -5.44 -27.62
C GLY A 127 8.00 -4.79 -28.61
N ARG A 128 6.74 -4.67 -28.23
CA ARG A 128 5.77 -4.04 -29.13
C ARG A 128 6.10 -2.56 -29.36
N TYR A 129 6.58 -1.91 -28.31
CA TYR A 129 7.04 -0.53 -28.40
C TYR A 129 8.26 -0.43 -29.32
N TYR A 130 9.24 -1.30 -29.11
CA TYR A 130 10.46 -1.30 -29.90
C TYR A 130 10.16 -1.58 -31.38
N ASP A 131 9.13 -2.38 -31.64
CA ASP A 131 8.74 -2.68 -33.02
C ASP A 131 8.37 -1.39 -33.76
N GLN A 132 7.94 -0.38 -33.02
CA GLN A 132 7.55 0.88 -33.62
C GLN A 132 8.69 1.89 -33.60
N LEU A 133 9.45 1.86 -32.51
CA LEU A 133 10.53 2.83 -32.34
C LEU A 133 11.78 2.48 -33.12
N LEU A 134 12.26 1.25 -32.97
CA LEU A 134 13.60 0.92 -33.42
C LEU A 134 13.81 0.94 -34.95
N PRO A 135 12.81 0.51 -35.73
CA PRO A 135 12.97 0.60 -37.18
C PRO A 135 13.12 2.04 -37.67
N ARG A 136 12.78 3.00 -36.82
CA ARG A 136 12.92 4.40 -37.16
C ARG A 136 14.35 4.87 -36.90
N LEU A 137 15.09 4.10 -36.10
CA LEU A 137 16.44 4.49 -35.72
C LEU A 137 17.51 3.68 -36.46
N VAL A 138 17.16 2.48 -36.90
CA VAL A 138 18.14 1.63 -37.56
C VAL A 138 18.74 2.28 -38.82
N PRO A 139 17.90 2.95 -39.64
CA PRO A 139 18.45 3.61 -40.83
C PRO A 139 19.32 4.81 -40.47
N ARG A 140 19.25 5.24 -39.21
CA ARG A 140 20.03 6.39 -38.77
C ARG A 140 21.30 5.99 -38.04
N LEU A 141 21.60 4.69 -37.99
CA LEU A 141 22.88 4.23 -37.50
C LEU A 141 23.99 4.71 -38.43
N LEU A 142 25.15 5.02 -37.87
CA LEU A 142 26.27 5.50 -38.67
C LEU A 142 26.53 4.61 -39.89
N ASP A 143 26.52 3.29 -39.69
CA ASP A 143 26.82 2.35 -40.78
C ASP A 143 25.81 2.44 -41.91
N ASN A 144 24.64 2.97 -41.59
CA ASN A 144 23.55 3.01 -42.55
C ASN A 144 23.37 4.40 -43.17
N GLY A 145 24.31 5.30 -42.87
CA GLY A 145 24.31 6.63 -43.45
C GLY A 145 23.79 7.68 -42.49
N GLY A 146 23.51 7.28 -41.25
CA GLY A 146 23.02 8.22 -40.25
C GLY A 146 24.12 8.75 -39.34
N ASN A 147 23.73 9.12 -38.12
CA ASN A 147 24.69 9.69 -37.18
C ASN A 147 24.72 9.03 -35.80
N ILE A 148 23.98 7.94 -35.62
CA ILE A 148 23.94 7.28 -34.31
C ILE A 148 25.13 6.37 -34.10
N LEU A 149 25.89 6.63 -33.03
CA LEU A 149 27.08 5.86 -32.73
C LEU A 149 26.76 4.60 -31.94
N MET A 150 25.96 4.76 -30.89
CA MET A 150 25.61 3.64 -30.04
C MET A 150 24.35 3.92 -29.24
N MET A 151 23.84 2.90 -28.56
CA MET A 151 22.60 3.03 -27.82
C MET A 151 22.70 2.30 -26.49
N GLN A 152 21.93 2.78 -25.51
CA GLN A 152 21.94 2.23 -24.17
C GLN A 152 20.89 1.14 -23.96
N VAL A 153 21.28 0.14 -23.18
CA VAL A 153 20.41 -0.94 -22.73
C VAL A 153 19.96 -0.64 -21.30
N GLU A 154 18.66 -0.52 -21.09
CA GLU A 154 18.12 -0.09 -19.81
C GLU A 154 18.75 1.23 -19.39
N ASN A 155 18.72 1.53 -18.10
CA ASN A 155 19.23 2.81 -17.59
C ASN A 155 19.51 2.76 -16.10
N GLU A 156 20.78 2.82 -15.73
CA GLU A 156 21.16 2.77 -14.32
C GLU A 156 20.43 1.64 -13.62
N TYR A 157 20.41 0.48 -14.26
CA TYR A 157 19.66 -0.64 -13.72
C TYR A 157 20.28 -1.11 -12.39
N GLY A 158 21.58 -0.89 -12.22
CA GLY A 158 22.26 -1.25 -10.98
C GLY A 158 21.76 -0.45 -9.78
N SER A 159 20.98 0.59 -10.05
CA SER A 159 20.36 1.35 -8.97
C SER A 159 18.92 0.90 -8.76
N TYR A 160 18.61 -0.29 -9.25
CA TYR A 160 17.25 -0.84 -9.10
C TYR A 160 17.20 -2.35 -8.92
N GLY A 161 17.97 -3.09 -9.71
CA GLY A 161 17.90 -4.53 -9.65
C GLY A 161 19.18 -5.25 -10.03
N GLU A 162 19.10 -6.57 -10.10
CA GLU A 162 20.23 -7.40 -10.51
C GLU A 162 19.75 -8.53 -11.41
N ASP A 163 18.55 -8.34 -11.98
CA ASP A 163 17.93 -9.32 -12.90
C ASP A 163 18.68 -9.33 -14.23
N LYS A 164 19.64 -10.23 -14.37
CA LYS A 164 20.43 -10.27 -15.60
C LYS A 164 19.62 -10.72 -16.82
N ALA A 165 18.62 -11.57 -16.60
CA ALA A 165 17.76 -12.00 -17.71
C ALA A 165 17.00 -10.82 -18.30
N TYR A 166 16.68 -9.84 -17.45
CA TYR A 166 16.02 -8.63 -17.92
C TYR A 166 16.94 -7.83 -18.84
N LEU A 167 18.16 -7.59 -18.40
CA LEU A 167 19.13 -6.88 -19.22
C LEU A 167 19.35 -7.61 -20.54
N ARG A 168 19.50 -8.93 -20.47
CA ARG A 168 19.73 -9.74 -21.67
C ARG A 168 18.56 -9.64 -22.64
N ALA A 169 17.35 -9.64 -22.09
CA ALA A 169 16.15 -9.55 -22.91
C ALA A 169 16.07 -8.22 -23.66
N ILE A 170 16.39 -7.13 -22.97
CA ILE A 170 16.36 -5.82 -23.59
C ILE A 170 17.40 -5.77 -24.72
N ARG A 171 18.61 -6.24 -24.42
CA ARG A 171 19.66 -6.25 -25.41
C ARG A 171 19.23 -7.08 -26.63
N GLN A 172 18.62 -8.23 -26.37
CA GLN A 172 18.15 -9.12 -27.41
C GLN A 172 17.04 -8.47 -28.25
N LEU A 173 16.11 -7.77 -27.61
CA LEU A 173 15.04 -7.10 -28.34
C LEU A 173 15.63 -6.10 -29.32
N MET A 174 16.62 -5.33 -28.86
CA MET A 174 17.23 -4.31 -29.70
C MET A 174 17.96 -4.93 -30.89
N GLU A 175 18.73 -5.98 -30.62
CA GLU A 175 19.42 -6.69 -31.69
C GLU A 175 18.44 -7.27 -32.70
N GLU A 176 17.33 -7.81 -32.23
CA GLU A 176 16.36 -8.43 -33.12
C GLU A 176 15.57 -7.42 -33.95
N CYS A 177 15.59 -6.16 -33.52
CA CYS A 177 14.96 -5.11 -34.29
C CYS A 177 15.94 -4.52 -35.29
N GLY A 178 17.15 -5.08 -35.32
CA GLY A 178 18.15 -4.69 -36.31
C GLY A 178 19.12 -3.64 -35.83
N VAL A 179 19.16 -3.42 -34.51
CA VAL A 179 20.13 -2.47 -33.96
C VAL A 179 21.52 -3.11 -33.89
N THR A 180 22.40 -2.70 -34.79
CA THR A 180 23.68 -3.35 -34.97
C THR A 180 24.86 -2.53 -34.43
N CYS A 181 24.58 -1.35 -33.89
CA CYS A 181 25.64 -0.51 -33.34
C CYS A 181 26.03 -1.02 -31.97
N PRO A 182 27.17 -0.55 -31.43
CA PRO A 182 27.54 -0.96 -30.09
C PRO A 182 26.45 -0.56 -29.09
N LEU A 183 26.23 -1.40 -28.09
CA LEU A 183 25.28 -1.14 -27.03
C LEU A 183 26.06 -0.99 -25.74
N PHE A 184 25.46 -0.35 -24.75
CA PHE A 184 26.17 -0.10 -23.50
C PHE A 184 25.18 0.09 -22.37
N THR A 185 25.66 -0.01 -21.14
CA THR A 185 24.87 0.33 -19.97
C THR A 185 25.53 1.52 -19.28
N SER A 186 24.79 2.23 -18.45
CA SER A 186 25.37 3.25 -17.60
C SER A 186 24.90 3.04 -16.17
N ASP A 187 25.81 3.27 -15.22
CA ASP A 187 25.53 3.05 -13.81
C ASP A 187 26.44 3.92 -12.98
N GLY A 188 26.15 4.01 -11.68
CA GLY A 188 27.08 4.62 -10.74
C GLY A 188 28.38 3.86 -10.76
N PRO A 189 29.51 4.57 -10.63
CA PRO A 189 30.83 3.97 -10.76
C PRO A 189 31.37 3.41 -9.44
N TRP A 190 30.54 2.65 -8.73
CA TRP A 190 31.03 1.85 -7.61
C TRP A 190 30.64 0.39 -7.76
N ARG A 191 31.21 -0.46 -6.92
CA ARG A 191 31.13 -1.89 -7.17
C ARG A 191 29.69 -2.40 -7.20
N ALA A 192 28.87 -2.00 -6.23
CA ALA A 192 27.53 -2.56 -6.14
C ALA A 192 26.69 -2.28 -7.38
N THR A 193 26.74 -1.05 -7.89
CA THR A 193 25.92 -0.69 -9.05
C THR A 193 26.50 -1.24 -10.34
N LEU A 194 27.82 -1.23 -10.44
CA LEU A 194 28.48 -1.82 -11.61
C LEU A 194 28.17 -3.31 -11.74
N LYS A 195 28.26 -4.04 -10.64
CA LYS A 195 27.98 -5.47 -10.69
C LYS A 195 26.52 -5.72 -11.07
N ALA A 196 25.61 -4.98 -10.42
CA ALA A 196 24.19 -5.22 -10.59
C ALA A 196 23.63 -4.79 -11.95
N GLY A 197 24.15 -3.69 -12.50
CA GLY A 197 23.53 -3.08 -13.67
C GLY A 197 24.11 -3.45 -15.01
N THR A 198 25.16 -4.27 -15.02
CA THR A 198 25.90 -4.51 -16.26
C THR A 198 25.83 -5.95 -16.76
N LEU A 199 26.22 -6.13 -18.02
CA LEU A 199 26.51 -7.45 -18.57
C LEU A 199 27.94 -7.48 -19.11
N ILE A 200 28.88 -7.04 -18.27
CA ILE A 200 30.28 -6.97 -18.68
C ILE A 200 30.83 -8.33 -19.09
N GLU A 201 30.37 -9.40 -18.42
CA GLU A 201 30.86 -10.75 -18.71
C GLU A 201 30.33 -11.24 -20.04
N GLU A 202 29.35 -10.53 -20.59
CA GLU A 202 28.85 -10.83 -21.93
C GLU A 202 29.25 -9.76 -22.92
N ASP A 203 30.30 -9.03 -22.55
CA ASP A 203 30.93 -8.06 -23.44
C ASP A 203 30.06 -6.86 -23.76
N LEU A 204 29.17 -6.49 -22.85
CA LEU A 204 28.35 -5.30 -23.05
C LEU A 204 29.06 -4.11 -22.42
N PHE A 205 29.36 -3.10 -23.24
CA PHE A 205 30.16 -1.95 -22.83
C PHE A 205 29.54 -1.23 -21.64
N VAL A 206 30.40 -0.71 -20.77
CA VAL A 206 29.98 -0.14 -19.49
C VAL A 206 30.43 1.30 -19.39
N THR A 207 29.49 2.16 -19.02
CA THR A 207 29.80 3.57 -18.79
C THR A 207 29.36 3.97 -17.39
N GLY A 208 29.86 5.11 -16.92
CA GLY A 208 29.58 5.54 -15.56
C GLY A 208 28.90 6.89 -15.50
N ASN A 209 28.12 7.10 -14.44
CA ASN A 209 27.42 8.35 -14.22
C ASN A 209 27.89 8.97 -12.92
N PHE A 210 28.38 10.21 -12.98
CA PHE A 210 28.87 10.90 -11.79
C PHE A 210 28.99 12.39 -12.07
N GLY A 211 29.20 13.18 -11.02
CA GLY A 211 29.19 14.64 -11.17
C GLY A 211 30.46 15.34 -10.72
N SER A 212 31.47 14.57 -10.35
CA SER A 212 32.74 15.11 -9.88
C SER A 212 33.75 13.98 -9.68
N LYS A 213 34.96 14.32 -9.26
CA LYS A 213 35.98 13.33 -8.95
C LYS A 213 36.20 12.34 -10.09
N ALA A 214 36.36 12.84 -11.31
CA ALA A 214 36.57 11.96 -12.46
C ALA A 214 37.74 10.99 -12.24
N PRO A 215 38.87 11.47 -11.71
CA PRO A 215 39.97 10.54 -11.54
C PRO A 215 39.59 9.35 -10.65
N TYR A 216 38.96 9.62 -9.51
CA TYR A 216 38.59 8.54 -8.60
C TYR A 216 37.53 7.64 -9.22
N ASN A 217 36.50 8.25 -9.78
CA ASN A 217 35.39 7.48 -10.34
C ASN A 217 35.82 6.66 -11.55
N PHE A 218 36.64 7.24 -12.41
CA PHE A 218 37.17 6.47 -13.54
C PHE A 218 38.06 5.33 -13.04
N SER A 219 38.79 5.56 -11.94
CA SER A 219 39.63 4.50 -11.38
C SER A 219 38.79 3.32 -10.89
N GLN A 220 37.60 3.59 -10.37
CA GLN A 220 36.72 2.52 -9.95
C GLN A 220 36.20 1.75 -11.15
N MET A 221 35.89 2.46 -12.24
CA MET A 221 35.48 1.78 -13.47
C MET A 221 36.64 0.96 -14.04
N GLN A 222 37.84 1.54 -14.00
CA GLN A 222 39.00 0.86 -14.54
C GLN A 222 39.27 -0.46 -13.83
N GLU A 223 39.20 -0.44 -12.50
CA GLU A 223 39.34 -1.64 -11.70
C GLU A 223 38.30 -2.70 -12.10
N PHE A 224 37.07 -2.26 -12.29
CA PHE A 224 36.00 -3.16 -12.69
C PHE A 224 36.31 -3.76 -14.07
N PHE A 225 36.80 -2.92 -14.98
CA PHE A 225 37.20 -3.39 -16.31
C PHE A 225 38.34 -4.41 -16.20
N ASP A 226 39.37 -4.05 -15.43
CA ASP A 226 40.55 -4.91 -15.30
C ASP A 226 40.16 -6.27 -14.73
N GLU A 227 39.30 -6.24 -13.72
CA GLU A 227 38.80 -7.45 -13.08
C GLU A 227 38.20 -8.41 -14.10
N HIS A 228 37.54 -7.85 -15.11
CA HIS A 228 36.85 -8.66 -16.11
C HIS A 228 37.64 -8.77 -17.41
N GLY A 229 38.88 -8.30 -17.38
CA GLY A 229 39.77 -8.44 -18.52
C GLY A 229 39.40 -7.57 -19.70
N LYS A 230 38.75 -6.45 -19.44
CA LYS A 230 38.33 -5.56 -20.52
C LYS A 230 39.29 -4.39 -20.72
N LYS A 231 39.75 -4.23 -21.96
CA LYS A 231 40.49 -3.05 -22.37
C LYS A 231 39.51 -2.15 -23.09
N TRP A 232 38.91 -1.23 -22.35
CA TRP A 232 37.87 -0.37 -22.89
C TRP A 232 38.19 1.08 -22.61
N PRO A 233 37.64 1.99 -23.43
CA PRO A 233 37.74 3.42 -23.15
C PRO A 233 36.89 3.78 -21.95
N LEU A 234 37.22 4.88 -21.29
CA LEU A 234 36.44 5.37 -20.17
C LEU A 234 35.47 6.45 -20.65
N MET A 235 34.20 6.29 -20.31
CA MET A 235 33.23 7.32 -20.62
C MET A 235 32.26 7.57 -19.49
N CYS A 236 32.03 8.84 -19.19
CA CYS A 236 30.99 9.24 -18.28
C CYS A 236 29.76 9.56 -19.11
N MET A 237 28.74 8.70 -19.02
CA MET A 237 27.55 8.83 -19.85
C MET A 237 26.57 9.86 -19.29
N GLU A 238 26.73 10.22 -18.03
CA GLU A 238 25.98 11.31 -17.44
C GLU A 238 26.90 12.04 -16.49
N PHE A 239 27.44 13.17 -16.92
CA PHE A 239 28.18 14.01 -16.01
C PHE A 239 27.25 15.09 -15.51
N TRP A 240 26.74 14.92 -14.29
CA TRP A 240 25.72 15.82 -13.78
C TRP A 240 26.34 17.18 -13.50
N ASP A 241 25.91 18.18 -14.27
CA ASP A 241 26.56 19.49 -14.26
C ASP A 241 25.75 20.52 -13.51
N GLY A 242 24.60 20.12 -12.98
CA GLY A 242 23.71 21.03 -12.25
C GLY A 242 22.84 20.26 -11.27
N TRP A 243 21.63 20.76 -11.05
CA TRP A 243 20.70 20.19 -10.07
C TRP A 243 19.28 20.39 -10.56
N PHE A 244 18.42 19.39 -10.40
CA PHE A 244 16.99 19.60 -10.65
C PHE A 244 16.34 20.19 -9.41
N ASN A 245 15.11 20.65 -9.54
CA ASN A 245 14.43 21.31 -8.42
C ASN A 245 13.10 20.67 -8.05
N ARG A 246 12.69 20.88 -6.79
CA ARG A 246 11.45 20.32 -6.30
C ARG A 246 10.65 21.39 -5.60
N TRP A 247 9.33 21.25 -5.59
CA TRP A 247 8.49 22.24 -4.93
C TRP A 247 8.86 22.37 -3.46
N LYS A 248 8.88 23.60 -2.96
CA LYS A 248 9.14 23.84 -1.53
C LYS A 248 10.59 23.64 -1.12
N GLU A 249 11.48 23.42 -2.08
CA GLU A 249 12.90 23.24 -1.77
C GLU A 249 13.73 24.29 -2.49
N PRO A 250 14.86 24.70 -1.87
CA PRO A 250 15.68 25.75 -2.45
C PRO A 250 16.33 25.35 -3.77
N ILE A 251 16.44 26.31 -4.68
CA ILE A 251 17.18 26.09 -5.91
C ILE A 251 18.67 26.01 -5.59
N ILE A 252 19.29 24.90 -5.98
CA ILE A 252 20.72 24.75 -5.79
C ILE A 252 21.40 24.99 -7.13
N THR A 253 22.51 25.72 -7.10
CA THR A 253 23.26 25.98 -8.31
C THR A 253 24.70 25.56 -8.08
N ARG A 254 25.40 25.33 -9.18
CA ARG A 254 26.79 24.90 -9.09
C ARG A 254 27.68 25.94 -9.76
N ASP A 255 28.80 26.27 -9.11
CA ASP A 255 29.73 27.26 -9.64
C ASP A 255 30.18 26.92 -11.07
N PRO A 256 30.04 27.87 -12.00
CA PRO A 256 30.45 27.67 -13.39
C PRO A 256 31.92 27.24 -13.54
N LYS A 257 32.83 27.93 -12.86
CA LYS A 257 34.25 27.63 -12.98
C LYS A 257 34.58 26.24 -12.44
N GLU A 258 34.05 25.93 -11.26
CA GLU A 258 34.27 24.61 -10.67
C GLU A 258 33.75 23.52 -11.62
N LEU A 259 32.58 23.75 -12.20
CA LEU A 259 32.00 22.77 -13.11
C LEU A 259 32.89 22.58 -14.34
N ALA A 260 33.34 23.69 -14.91
CA ALA A 260 34.22 23.60 -16.08
C ALA A 260 35.49 22.83 -15.75
N ASP A 261 36.04 23.07 -14.56
CA ASP A 261 37.25 22.37 -14.12
C ASP A 261 36.98 20.87 -14.01
N ALA A 262 35.82 20.52 -13.46
CA ALA A 262 35.48 19.12 -13.24
C ALA A 262 35.30 18.40 -14.57
N VAL A 263 34.73 19.11 -15.54
CA VAL A 263 34.55 18.57 -16.87
C VAL A 263 35.93 18.31 -17.51
N ARG A 264 36.85 19.25 -17.32
CA ARG A 264 38.19 19.03 -17.85
C ARG A 264 38.79 17.72 -17.33
N GLU A 265 38.58 17.42 -16.06
CA GLU A 265 39.14 16.20 -15.48
C GLU A 265 38.67 14.97 -16.23
N VAL A 266 37.38 14.93 -16.55
CA VAL A 266 36.82 13.83 -17.33
C VAL A 266 37.51 13.73 -18.68
N LEU A 267 37.58 14.85 -19.40
CA LEU A 267 38.10 14.88 -20.75
C LEU A 267 39.58 14.51 -20.85
N GLU A 268 40.33 14.76 -19.78
CA GLU A 268 41.75 14.41 -19.77
C GLU A 268 41.95 12.89 -19.78
N GLN A 269 40.93 12.15 -19.36
CA GLN A 269 41.05 10.69 -19.27
C GLN A 269 40.13 9.94 -20.20
N GLY A 270 39.07 10.60 -20.67
CA GLY A 270 38.07 9.89 -21.46
C GLY A 270 37.02 10.76 -22.10
N SER A 271 35.84 10.18 -22.29
CA SER A 271 34.76 10.83 -23.02
C SER A 271 33.65 11.22 -22.04
N ILE A 272 32.75 12.07 -22.49
CA ILE A 272 31.74 12.62 -21.60
C ILE A 272 30.43 12.88 -22.31
N ASN A 273 29.36 12.86 -21.52
CA ASN A 273 28.09 13.36 -21.96
C ASN A 273 27.59 14.26 -20.84
N LEU A 274 27.52 15.55 -21.10
CA LEU A 274 27.04 16.51 -20.11
C LEU A 274 25.55 16.32 -19.87
N TYR A 275 25.18 16.11 -18.62
CA TYR A 275 23.78 15.99 -18.26
C TYR A 275 23.47 17.10 -17.27
N MET A 276 22.73 18.14 -17.67
CA MET A 276 22.17 18.33 -19.01
C MET A 276 22.98 19.40 -19.73
N PHE A 277 23.01 19.34 -21.05
CA PHE A 277 23.53 20.47 -21.80
C PHE A 277 22.48 21.57 -21.85
N HIS A 278 21.28 21.20 -22.30
CA HIS A 278 20.12 22.06 -22.26
C HIS A 278 18.98 21.24 -21.70
N GLY A 279 18.44 21.68 -20.55
CA GLY A 279 17.40 20.92 -19.84
C GLY A 279 15.99 21.15 -20.35
N GLY A 280 15.65 22.41 -20.58
CA GLY A 280 14.32 22.74 -21.09
C GLY A 280 13.23 22.61 -20.05
N THR A 281 12.08 22.06 -20.46
CA THR A 281 10.86 22.14 -19.66
C THR A 281 10.09 20.82 -19.62
N ASN A 282 9.51 20.52 -18.45
CA ASN A 282 8.54 19.44 -18.34
C ASN A 282 7.16 20.01 -18.60
N PHE A 283 6.77 20.11 -19.86
CA PHE A 283 5.48 20.69 -20.17
C PHE A 283 4.36 19.79 -19.67
N GLY A 284 3.19 20.38 -19.41
CA GLY A 284 2.04 19.61 -18.97
C GLY A 284 2.27 18.93 -17.63
N PHE A 285 1.90 17.65 -17.57
CA PHE A 285 1.96 16.92 -16.31
C PHE A 285 3.10 15.90 -16.27
N MET A 286 4.17 16.15 -17.03
CA MET A 286 5.21 15.12 -17.21
C MET A 286 6.39 15.16 -16.22
N ASN A 287 6.33 16.02 -15.22
CA ASN A 287 7.37 16.06 -14.20
C ASN A 287 7.50 14.72 -13.49
N GLY A 288 8.67 14.47 -12.93
CA GLY A 288 8.88 13.28 -12.10
C GLY A 288 8.72 13.58 -10.63
N CYS A 289 9.23 12.71 -9.79
CA CYS A 289 8.99 12.78 -8.36
C CYS A 289 10.07 11.98 -7.64
N SER A 290 10.66 12.58 -6.61
CA SER A 290 11.63 11.89 -5.79
C SER A 290 10.95 11.21 -4.61
N ALA A 291 11.70 10.38 -3.88
CA ALA A 291 11.15 9.77 -2.67
C ALA A 291 12.18 9.84 -1.56
N ARG A 292 11.70 10.08 -0.33
CA ARG A 292 12.53 9.88 0.84
C ARG A 292 11.74 9.01 1.80
N GLY A 293 12.20 7.76 1.96
CA GLY A 293 11.43 6.79 2.72
C GLY A 293 10.09 6.55 2.04
N THR A 294 9.00 6.81 2.76
CA THR A 294 7.67 6.63 2.20
C THR A 294 7.13 7.92 1.58
N LEU A 295 7.89 9.01 1.68
CA LEU A 295 7.42 10.34 1.27
C LEU A 295 7.79 10.68 -0.18
N ASP A 296 6.80 11.13 -0.94
CA ASP A 296 7.02 11.60 -2.32
C ASP A 296 7.40 13.08 -2.30
N LEU A 297 8.31 13.46 -3.19
CA LEU A 297 8.76 14.86 -3.31
C LEU A 297 8.72 15.26 -4.77
N PRO A 298 7.58 15.82 -5.22
CA PRO A 298 7.39 16.16 -6.62
C PRO A 298 8.37 17.21 -7.15
N GLN A 299 8.87 16.96 -8.35
CA GLN A 299 9.83 17.85 -8.99
C GLN A 299 9.08 18.92 -9.80
N VAL A 300 9.72 20.05 -10.05
CA VAL A 300 9.03 21.19 -10.64
C VAL A 300 8.89 21.14 -12.14
N THR A 301 8.15 22.09 -12.70
CA THR A 301 7.90 22.14 -14.14
C THR A 301 9.17 22.48 -14.92
N SER A 302 9.91 23.48 -14.45
CA SER A 302 11.14 23.88 -15.13
C SER A 302 12.21 22.78 -14.99
N TYR A 303 12.82 22.40 -16.10
CA TYR A 303 13.98 21.52 -16.04
C TYR A 303 15.21 22.30 -16.47
N ASP A 304 15.26 23.56 -16.03
CA ASP A 304 16.42 24.42 -16.27
C ASP A 304 17.68 23.66 -15.88
N TYR A 305 17.63 23.03 -14.70
CA TYR A 305 18.69 22.12 -14.25
C TYR A 305 20.02 22.84 -13.94
N ASP A 306 20.02 24.16 -13.99
CA ASP A 306 21.28 24.90 -13.89
C ASP A 306 22.23 24.38 -14.98
N ALA A 307 21.66 24.00 -16.12
CA ALA A 307 22.44 23.43 -17.22
C ALA A 307 23.26 24.49 -17.95
N LEU A 308 24.06 24.06 -18.93
CA LEU A 308 24.86 25.00 -19.70
C LEU A 308 23.99 26.04 -20.40
N LEU A 309 22.89 25.59 -21.01
CA LEU A 309 21.90 26.51 -21.54
C LEU A 309 20.75 26.57 -20.55
N ASP A 310 20.20 27.76 -20.35
CA ASP A 310 19.07 27.87 -19.41
C ASP A 310 17.80 27.32 -20.04
N GLU A 311 16.72 27.29 -19.28
CA GLU A 311 15.49 26.68 -19.76
C GLU A 311 15.14 27.17 -21.17
N GLU A 312 15.31 28.47 -21.39
CA GLU A 312 14.97 29.11 -22.65
C GLU A 312 15.91 28.67 -23.79
N GLY A 313 17.11 28.23 -23.44
CA GLY A 313 18.07 27.79 -24.45
C GLY A 313 19.22 28.77 -24.66
N ASN A 314 19.33 29.73 -23.75
CA ASN A 314 20.42 30.71 -23.83
C ASN A 314 21.65 30.31 -23.04
N PRO A 315 22.84 30.55 -23.62
CA PRO A 315 24.07 30.31 -22.89
C PRO A 315 24.10 30.99 -21.54
N THR A 316 24.66 30.29 -20.56
CA THR A 316 24.82 30.81 -19.21
C THR A 316 26.29 31.04 -18.92
N ALA A 317 26.59 31.58 -17.75
CA ALA A 317 27.97 31.71 -17.30
C ALA A 317 28.67 30.35 -17.34
N LYS A 318 27.91 29.29 -17.03
CA LYS A 318 28.42 27.94 -17.04
C LYS A 318 28.81 27.51 -18.46
N TYR A 319 27.98 27.83 -19.44
CA TYR A 319 28.32 27.55 -20.83
C TYR A 319 29.64 28.23 -21.18
N LEU A 320 29.77 29.49 -20.82
CA LEU A 320 30.97 30.26 -21.16
C LEU A 320 32.22 29.73 -20.47
N ALA A 321 32.06 29.25 -19.24
CA ALA A 321 33.19 28.74 -18.49
C ALA A 321 33.66 27.43 -19.14
N VAL A 322 32.72 26.61 -19.58
CA VAL A 322 33.07 25.37 -20.25
C VAL A 322 33.71 25.67 -21.61
N LYS A 323 33.14 26.63 -22.33
CA LYS A 323 33.69 27.06 -23.60
C LYS A 323 35.14 27.56 -23.44
N LYS A 324 35.40 28.32 -22.37
CA LYS A 324 36.76 28.82 -22.11
C LYS A 324 37.73 27.68 -21.79
N MET A 325 37.27 26.73 -20.99
CA MET A 325 38.06 25.56 -20.65
C MET A 325 38.44 24.80 -21.92
N MET A 326 37.48 24.66 -22.83
CA MET A 326 37.70 23.94 -24.08
C MET A 326 38.72 24.66 -24.94
N ALA A 327 38.57 25.98 -25.04
CA ALA A 327 39.47 26.79 -25.86
C ALA A 327 40.91 26.76 -25.33
N THR A 328 41.04 26.63 -24.02
CA THR A 328 42.35 26.64 -23.36
C THR A 328 43.02 25.27 -23.40
N HIS A 329 42.27 24.23 -23.06
CA HIS A 329 42.86 22.91 -22.84
C HIS A 329 42.54 21.89 -23.93
N PHE A 330 41.57 22.21 -24.78
CA PHE A 330 41.23 21.32 -25.88
C PHE A 330 41.04 22.12 -27.16
N SER A 331 42.02 22.97 -27.44
CA SER A 331 41.94 23.94 -28.53
C SER A 331 41.78 23.30 -29.90
N GLU A 332 42.06 22.00 -29.99
CA GLU A 332 41.95 21.29 -31.26
C GLU A 332 40.51 21.20 -31.75
N TYR A 333 39.55 21.35 -30.83
CA TYR A 333 38.15 21.32 -31.22
C TYR A 333 37.68 22.72 -31.58
N PRO A 334 37.25 22.91 -32.84
CA PRO A 334 36.81 24.22 -33.29
C PRO A 334 35.53 24.62 -32.59
N GLN A 335 35.41 25.91 -32.30
CA GLN A 335 34.24 26.42 -31.62
C GLN A 335 33.57 27.48 -32.50
N LEU A 336 32.35 27.85 -32.12
CA LEU A 336 31.59 28.88 -32.81
C LEU A 336 30.96 29.82 -31.77
N GLU A 337 30.57 31.01 -32.19
CA GLU A 337 29.82 31.89 -31.31
C GLU A 337 28.40 31.34 -31.18
N PRO A 338 27.91 31.19 -29.93
CA PRO A 338 26.57 30.62 -29.76
C PRO A 338 25.46 31.60 -30.13
N LEU A 339 24.25 31.05 -30.23
CA LEU A 339 23.07 31.83 -30.55
C LEU A 339 22.30 32.17 -29.28
N TYR A 340 21.73 33.37 -29.25
CA TYR A 340 20.90 33.82 -28.15
C TYR A 340 19.51 34.17 -28.65
N LYS A 341 18.48 33.84 -27.86
CA LYS A 341 17.12 34.26 -28.17
C LYS A 341 16.78 35.46 -27.29
N GLU A 342 15.98 36.40 -27.83
CA GLU A 342 15.54 37.53 -27.02
C GLU A 342 14.16 37.25 -26.44
N SER A 343 13.89 37.84 -25.29
CA SER A 343 12.59 37.64 -24.65
C SER A 343 11.78 38.93 -24.70
N MET A 344 10.52 38.84 -24.29
CA MET A 344 9.66 40.01 -24.29
C MET A 344 8.95 40.15 -22.95
N GLU A 345 8.31 41.29 -22.75
CA GLU A 345 7.49 41.51 -21.58
C GLU A 345 6.18 42.15 -22.01
N LEU A 346 5.12 41.88 -21.25
CA LEU A 346 3.81 42.44 -21.54
C LEU A 346 3.06 42.67 -20.23
N ASP A 347 2.74 43.92 -19.97
CA ASP A 347 2.17 44.34 -18.70
C ASP A 347 0.64 44.22 -18.63
N ALA A 348 0.14 43.87 -17.44
CA ALA A 348 -1.27 44.00 -17.11
C ALA A 348 -2.22 43.57 -18.22
N ILE A 349 -2.18 42.28 -18.56
CA ILE A 349 -3.15 41.71 -19.48
C ILE A 349 -4.40 41.34 -18.67
N PRO A 350 -5.54 41.98 -18.98
CA PRO A 350 -6.69 41.84 -18.09
C PRO A 350 -7.44 40.52 -18.24
N LEU A 351 -8.07 40.07 -17.16
CA LEU A 351 -8.95 38.93 -17.20
C LEU A 351 -10.13 39.21 -18.11
N VAL A 352 -10.43 38.28 -19.01
CA VAL A 352 -11.54 38.44 -19.94
C VAL A 352 -12.78 37.74 -19.43
N GLU A 353 -12.62 36.48 -19.01
CA GLU A 353 -13.74 35.70 -18.51
C GLU A 353 -13.25 34.55 -17.63
N LYS A 354 -14.17 33.96 -16.89
CA LYS A 354 -13.84 32.89 -15.98
C LYS A 354 -15.02 31.94 -15.84
N VAL A 355 -14.74 30.70 -15.47
CA VAL A 355 -15.78 29.71 -15.29
C VAL A 355 -15.32 28.65 -14.29
N SER A 356 -16.20 28.31 -13.35
CA SER A 356 -15.88 27.26 -12.39
C SER A 356 -15.77 25.91 -13.07
N LEU A 357 -14.85 25.07 -12.59
CA LEU A 357 -14.73 23.71 -13.09
C LEU A 357 -16.08 23.00 -13.06
N PHE A 358 -16.79 23.11 -11.94
CA PHE A 358 -18.07 22.41 -11.76
C PHE A 358 -19.08 22.80 -12.83
N GLU A 359 -19.03 24.05 -13.28
CA GLU A 359 -19.99 24.54 -14.28
C GLU A 359 -19.66 24.12 -15.71
N THR A 360 -18.42 23.69 -15.96
CA THR A 360 -18.04 23.28 -17.31
C THR A 360 -17.65 21.80 -17.40
N LEU A 361 -17.95 21.04 -16.36
CA LEU A 361 -17.63 19.62 -16.31
C LEU A 361 -18.07 18.86 -17.55
N ASP A 362 -19.34 19.01 -17.91
CA ASP A 362 -19.96 18.15 -18.91
C ASP A 362 -19.35 18.29 -20.31
N SER A 363 -18.78 19.44 -20.62
CA SER A 363 -18.11 19.61 -21.91
C SER A 363 -16.66 19.13 -21.84
N LEU A 364 -16.09 19.17 -20.63
CA LEU A 364 -14.69 18.78 -20.43
C LEU A 364 -14.48 17.29 -20.23
N SER A 365 -15.42 16.63 -19.57
CA SER A 365 -15.20 15.25 -19.16
C SER A 365 -16.39 14.32 -19.37
N SER A 366 -16.11 13.08 -19.78
CA SER A 366 -17.13 12.04 -19.86
C SER A 366 -17.11 11.23 -18.58
N PRO A 367 -18.22 11.27 -17.81
CA PRO A 367 -18.21 10.61 -16.50
C PRO A 367 -18.28 9.09 -16.61
N VAL A 368 -17.70 8.41 -15.64
CA VAL A 368 -17.82 6.97 -15.54
C VAL A 368 -18.46 6.66 -14.20
N GLU A 369 -19.57 5.91 -14.24
CA GLU A 369 -20.31 5.60 -13.02
C GLU A 369 -20.06 4.16 -12.58
N SER A 370 -19.83 3.97 -11.29
CA SER A 370 -19.71 2.63 -10.73
C SER A 370 -20.08 2.65 -9.25
N LEU A 371 -20.37 1.47 -8.71
CA LEU A 371 -20.80 1.37 -7.33
C LEU A 371 -19.65 1.75 -6.41
N TYR A 372 -18.48 1.20 -6.68
CA TYR A 372 -17.27 1.47 -5.91
C TYR A 372 -16.34 2.43 -6.66
N PRO A 373 -15.57 3.24 -5.91
CA PRO A 373 -14.69 4.22 -6.54
C PRO A 373 -13.52 3.54 -7.24
N GLN A 374 -13.10 4.13 -8.35
CA GLN A 374 -12.02 3.56 -9.14
C GLN A 374 -10.81 4.47 -9.11
N LYS A 375 -9.65 3.88 -9.38
CA LYS A 375 -8.40 4.61 -9.47
C LYS A 375 -8.22 5.25 -10.85
N MET A 376 -7.28 6.18 -10.93
CA MET A 376 -7.08 6.96 -12.14
C MET A 376 -6.77 6.09 -13.34
N GLU A 377 -5.79 5.21 -13.18
CA GLU A 377 -5.35 4.39 -14.31
C GLU A 377 -6.41 3.37 -14.76
N GLU A 378 -7.17 2.83 -13.81
CA GLU A 378 -8.19 1.85 -14.20
C GLU A 378 -9.33 2.51 -14.96
N LEU A 379 -9.46 3.82 -14.79
CA LEU A 379 -10.43 4.61 -15.55
C LEU A 379 -9.90 4.98 -16.94
N GLY A 380 -8.65 4.62 -17.21
CA GLY A 380 -8.05 4.90 -18.51
C GLY A 380 -7.30 6.21 -18.58
N GLN A 381 -7.06 6.82 -17.42
CA GLN A 381 -6.38 8.11 -17.36
C GLN A 381 -4.96 7.99 -16.83
N SER A 382 -4.03 8.72 -17.45
CA SER A 382 -2.64 8.69 -17.03
C SER A 382 -2.28 9.92 -16.20
N TYR A 383 -2.66 11.09 -16.70
CA TYR A 383 -2.21 12.34 -16.10
C TYR A 383 -3.34 13.32 -15.83
N GLY A 384 -3.11 14.21 -14.89
CA GLY A 384 -4.04 15.31 -14.64
C GLY A 384 -4.81 15.20 -13.35
N TYR A 385 -6.05 15.65 -13.40
CA TYR A 385 -6.94 15.68 -12.25
C TYR A 385 -8.06 14.66 -12.45
N LEU A 386 -8.70 14.29 -11.35
CA LEU A 386 -9.82 13.37 -11.39
C LEU A 386 -10.84 13.80 -10.35
N LEU A 387 -12.06 14.04 -10.79
CA LEU A 387 -13.12 14.45 -9.88
C LEU A 387 -13.98 13.25 -9.49
N TYR A 388 -14.07 12.98 -8.19
CA TYR A 388 -14.95 11.94 -7.66
C TYR A 388 -16.19 12.63 -7.14
N ARG A 389 -17.36 12.19 -7.60
CA ARG A 389 -18.61 12.79 -7.18
C ARG A 389 -19.58 11.74 -6.65
N THR A 390 -20.15 11.98 -5.47
CA THR A 390 -21.23 11.14 -4.98
C THR A 390 -22.31 11.99 -4.30
N GLU A 391 -23.46 11.39 -4.06
CA GLU A 391 -24.54 12.08 -3.34
C GLU A 391 -24.81 11.31 -2.06
N THR A 392 -24.97 12.03 -0.96
CA THR A 392 -25.21 11.37 0.31
C THR A 392 -26.00 12.29 1.24
N ASN A 393 -26.82 11.70 2.10
CA ASN A 393 -27.49 12.53 3.09
C ASN A 393 -26.79 12.44 4.43
N TRP A 394 -26.97 13.46 5.24
CA TRP A 394 -26.30 13.55 6.51
C TRP A 394 -27.15 12.91 7.59
N ASP A 395 -26.52 12.06 8.39
CA ASP A 395 -27.23 11.23 9.36
C ASP A 395 -27.04 11.74 10.78
N ALA A 396 -26.36 12.87 10.91
CA ALA A 396 -26.18 13.54 12.19
C ALA A 396 -25.82 15.00 11.92
N GLU A 397 -25.89 15.84 12.94
CA GLU A 397 -25.62 17.27 12.72
C GLU A 397 -24.18 17.47 12.28
N GLU A 398 -23.30 16.63 12.81
CA GLU A 398 -21.92 16.62 12.35
C GLU A 398 -21.52 15.17 12.05
N GLU A 399 -20.86 14.97 10.92
CA GLU A 399 -20.38 13.65 10.55
C GLU A 399 -18.91 13.74 10.14
N ARG A 400 -18.21 12.64 10.33
CA ARG A 400 -16.80 12.57 9.96
C ARG A 400 -16.64 11.96 8.59
N LEU A 401 -15.75 12.53 7.78
CA LEU A 401 -15.41 11.97 6.48
C LEU A 401 -13.91 11.67 6.49
N ARG A 402 -13.53 10.58 5.81
CA ARG A 402 -12.12 10.24 5.68
C ARG A 402 -11.88 9.69 4.28
N ILE A 403 -10.82 10.18 3.63
CA ILE A 403 -10.41 9.63 2.35
C ILE A 403 -9.36 8.56 2.63
N ILE A 404 -9.66 7.32 2.26
CA ILE A 404 -8.81 6.19 2.62
C ILE A 404 -7.95 5.77 1.42
N ASP A 405 -6.64 5.95 1.57
CA ASP A 405 -5.66 5.58 0.56
C ASP A 405 -5.81 6.37 -0.75
N GLY A 406 -5.72 7.69 -0.64
CA GLY A 406 -5.77 8.55 -1.83
C GLY A 406 -4.44 9.27 -2.05
N ARG A 407 -4.13 9.53 -3.31
CA ARG A 407 -2.93 10.27 -3.72
C ARG A 407 -3.24 11.03 -5.01
N ASP A 408 -2.62 12.19 -5.23
CA ASP A 408 -1.61 12.77 -4.35
C ASP A 408 -2.14 13.88 -3.46
N ARG A 409 -3.16 14.58 -3.94
CA ARG A 409 -3.68 15.76 -3.27
C ARG A 409 -5.18 15.78 -3.51
N ALA A 410 -5.95 16.05 -2.46
CA ALA A 410 -7.39 15.98 -2.55
C ALA A 410 -8.04 17.24 -2.00
N GLN A 411 -9.04 17.73 -2.71
CA GLN A 411 -9.83 18.87 -2.28
C GLN A 411 -11.29 18.46 -2.19
N LEU A 412 -11.90 18.66 -1.04
CA LEU A 412 -13.24 18.16 -0.79
C LEU A 412 -14.24 19.31 -0.71
N TYR A 413 -15.36 19.15 -1.41
CA TYR A 413 -16.42 20.15 -1.42
C TYR A 413 -17.74 19.46 -1.13
N VAL A 414 -18.60 20.13 -0.37
CA VAL A 414 -19.96 19.63 -0.16
C VAL A 414 -20.92 20.67 -0.70
N ASP A 415 -21.73 20.28 -1.67
CA ASP A 415 -22.67 21.20 -2.34
C ASP A 415 -21.96 22.44 -2.86
N GLY A 416 -20.75 22.24 -3.41
CA GLY A 416 -19.99 23.34 -4.01
C GLY A 416 -19.13 24.15 -3.05
N GLN A 417 -19.32 23.90 -1.75
CA GLN A 417 -18.58 24.61 -0.73
C GLN A 417 -17.33 23.85 -0.29
N TRP A 418 -16.17 24.50 -0.37
CA TRP A 418 -14.92 23.88 0.02
C TRP A 418 -14.93 23.53 1.50
N VAL A 419 -14.50 22.32 1.83
CA VAL A 419 -14.43 21.88 3.21
C VAL A 419 -13.00 21.65 3.66
N LYS A 420 -12.19 21.01 2.82
CA LYS A 420 -10.85 20.62 3.25
C LYS A 420 -9.93 20.32 2.08
N THR A 421 -8.67 20.66 2.25
CA THR A 421 -7.63 20.23 1.31
C THR A 421 -6.61 19.39 2.05
N GLN A 422 -6.23 18.25 1.45
CA GLN A 422 -5.29 17.34 2.07
C GLN A 422 -4.25 16.90 1.06
N TYR A 423 -2.98 17.11 1.40
CA TYR A 423 -1.88 16.68 0.54
C TYR A 423 -1.17 15.46 1.09
N GLN A 424 -1.06 14.44 0.25
CA GLN A 424 -0.29 13.24 0.59
C GLN A 424 -0.64 12.68 1.96
N THR A 425 0.29 12.75 2.90
CA THR A 425 0.07 12.09 4.19
C THR A 425 -1.08 12.70 5.02
N GLU A 426 -1.52 13.90 4.66
CA GLU A 426 -2.70 14.49 5.30
C GLU A 426 -3.97 13.77 4.86
N ILE A 427 -3.91 13.11 3.70
CA ILE A 427 -5.05 12.38 3.21
C ILE A 427 -5.32 11.23 4.15
N GLY A 428 -6.55 11.16 4.65
CA GLY A 428 -6.90 10.14 5.65
C GLY A 428 -7.24 10.76 6.99
N GLU A 429 -6.80 11.99 7.22
CA GLU A 429 -7.12 12.70 8.46
C GLU A 429 -8.61 13.01 8.53
N ASP A 430 -9.13 13.08 9.75
CA ASP A 430 -10.55 13.31 9.97
C ASP A 430 -11.00 14.62 9.34
N ILE A 431 -12.15 14.59 8.67
CA ILE A 431 -12.79 15.79 8.16
C ILE A 431 -14.17 15.84 8.78
N PHE A 432 -14.50 16.92 9.46
CA PHE A 432 -15.80 17.03 10.10
C PHE A 432 -16.68 18.03 9.38
N TYR A 433 -17.91 17.65 9.11
CA TYR A 433 -18.80 18.48 8.33
C TYR A 433 -20.22 18.47 8.86
N GLN A 434 -20.88 19.62 8.78
CA GLN A 434 -22.30 19.71 9.08
C GLN A 434 -23.06 19.99 7.79
N GLY A 435 -23.88 19.03 7.36
CA GLY A 435 -24.48 19.10 6.03
C GLY A 435 -25.99 19.25 6.00
N LYS A 436 -26.55 19.20 4.80
CA LYS A 436 -27.99 19.36 4.58
C LYS A 436 -28.83 18.65 5.64
N LYS A 437 -29.68 19.43 6.31
CA LYS A 437 -30.63 18.88 7.26
C LYS A 437 -31.51 17.82 6.59
N LYS A 438 -31.79 18.02 5.30
CA LYS A 438 -32.66 17.13 4.56
C LYS A 438 -32.10 16.84 3.16
N GLY A 439 -32.32 15.63 2.68
CA GLY A 439 -31.98 15.27 1.31
C GLY A 439 -30.50 15.04 1.07
N LEU A 440 -30.17 14.80 -0.20
CA LEU A 440 -28.80 14.47 -0.59
C LEU A 440 -27.95 15.71 -0.79
N SER A 441 -26.72 15.66 -0.27
CA SER A 441 -25.72 16.67 -0.57
C SER A 441 -24.78 16.11 -1.61
N ARG A 442 -24.23 16.99 -2.43
CA ARG A 442 -23.25 16.61 -3.44
C ARG A 442 -21.88 16.62 -2.79
N LEU A 443 -21.19 15.49 -2.81
CA LEU A 443 -19.84 15.40 -2.28
C LEU A 443 -18.87 15.30 -3.46
N ASP A 444 -18.01 16.30 -3.61
CA ASP A 444 -17.02 16.34 -4.69
C ASP A 444 -15.61 16.27 -4.13
N ILE A 445 -14.80 15.37 -4.68
CA ILE A 445 -13.41 15.29 -4.27
C ILE A 445 -12.54 15.39 -5.51
N LEU A 446 -11.79 16.49 -5.63
CA LEU A 446 -10.89 16.67 -6.76
C LEU A 446 -9.52 16.16 -6.37
N ILE A 447 -9.04 15.14 -7.10
CA ILE A 447 -7.75 14.54 -6.84
C ILE A 447 -6.79 14.97 -7.92
N GLU A 448 -5.54 15.24 -7.53
CA GLU A 448 -4.51 15.54 -8.50
C GLU A 448 -3.44 14.47 -8.45
N ASN A 449 -3.01 14.01 -9.63
CA ASN A 449 -1.79 13.23 -9.77
C ASN A 449 -0.64 14.21 -9.94
N MET A 450 0.23 14.31 -8.94
CA MET A 450 1.28 15.32 -8.98
C MET A 450 2.62 14.79 -9.50
N GLY A 451 2.60 13.58 -10.05
CA GLY A 451 3.80 12.99 -10.66
C GLY A 451 4.22 11.69 -10.02
N ARG A 452 4.26 10.62 -10.81
CA ARG A 452 4.70 9.33 -10.32
C ARG A 452 6.21 9.28 -10.12
N VAL A 453 6.63 8.67 -9.01
CA VAL A 453 8.05 8.53 -8.69
C VAL A 453 8.80 7.90 -9.85
N ASN A 454 10.00 8.40 -10.13
CA ASN A 454 10.71 7.99 -11.34
C ASN A 454 11.97 7.15 -11.12
N TYR A 455 12.12 6.58 -9.93
CA TYR A 455 13.28 5.74 -9.65
C TYR A 455 13.15 5.13 -8.27
N GLY A 456 13.98 4.13 -8.00
CA GLY A 456 14.23 3.71 -6.61
C GLY A 456 13.16 2.83 -6.02
N HIS A 457 13.15 2.76 -4.69
CA HIS A 457 12.38 1.76 -3.99
C HIS A 457 10.88 1.99 -4.05
N LYS A 458 10.47 3.22 -4.39
CA LYS A 458 9.04 3.55 -4.51
C LYS A 458 8.56 3.51 -5.95
N PHE A 459 9.43 3.07 -6.85
CA PHE A 459 9.07 3.03 -8.27
C PHE A 459 7.77 2.26 -8.52
N LEU A 460 7.58 1.16 -7.79
CA LEU A 460 6.35 0.37 -7.92
C LEU A 460 5.54 0.37 -6.62
N ALA A 461 5.68 1.43 -5.83
CA ALA A 461 4.92 1.58 -4.60
C ALA A 461 3.43 1.59 -4.89
N ASP A 462 2.63 1.25 -3.89
CA ASP A 462 1.18 1.24 -4.02
C ASP A 462 0.67 2.63 -4.41
N THR A 463 1.36 3.66 -3.91
CA THR A 463 0.95 5.04 -4.11
C THR A 463 1.15 5.53 -5.54
N GLN A 464 1.79 4.70 -6.38
CA GLN A 464 2.04 5.08 -7.76
C GLN A 464 0.75 5.08 -8.59
N ARG A 465 -0.25 4.32 -8.13
CA ARG A 465 -1.58 4.35 -8.75
C ARG A 465 -2.36 5.46 -8.08
N LYS A 466 -2.78 6.46 -8.86
CA LYS A 466 -3.31 7.67 -8.27
C LYS A 466 -4.83 7.61 -8.16
N GLY A 467 -5.38 8.55 -7.39
CA GLY A 467 -6.80 8.53 -7.09
C GLY A 467 -7.03 7.90 -5.74
N ILE A 468 -8.26 7.44 -5.52
CA ILE A 468 -8.65 6.88 -4.24
C ILE A 468 -8.67 5.37 -4.40
N ARG A 469 -7.76 4.69 -3.69
CA ARG A 469 -7.56 3.24 -3.89
C ARG A 469 -8.44 2.36 -3.02
N THR A 470 -8.93 2.91 -1.92
CA THR A 470 -9.74 2.10 -1.01
C THR A 470 -11.16 2.61 -0.95
N GLY A 471 -11.34 3.86 -0.51
CA GLY A 471 -12.68 4.45 -0.55
C GLY A 471 -12.77 5.74 0.23
N VAL A 472 -13.99 6.23 0.38
CA VAL A 472 -14.25 7.40 1.21
C VAL A 472 -15.24 7.01 2.30
N CYS A 473 -14.86 7.22 3.55
CA CYS A 473 -15.68 6.84 4.69
C CYS A 473 -16.50 8.01 5.22
N LYS A 474 -17.77 7.75 5.49
CA LYS A 474 -18.60 8.71 6.19
C LYS A 474 -19.11 7.99 7.42
N ASP A 475 -18.90 8.57 8.59
CA ASP A 475 -19.02 7.83 9.84
C ASP A 475 -18.10 6.61 9.75
N LEU A 476 -18.67 5.42 9.82
CA LEU A 476 -17.87 4.20 9.79
C LEU A 476 -18.01 3.41 8.49
N HIS A 477 -18.80 3.91 7.55
CA HIS A 477 -19.04 3.14 6.32
C HIS A 477 -18.50 3.79 5.06
N PHE A 478 -18.02 2.96 4.15
CA PHE A 478 -17.57 3.44 2.85
C PHE A 478 -18.76 3.84 1.99
N LEU A 479 -18.64 5.00 1.36
CA LEU A 479 -19.70 5.52 0.50
C LEU A 479 -19.69 4.87 -0.86
N LEU A 480 -20.87 4.63 -1.41
CA LEU A 480 -20.99 4.02 -2.72
C LEU A 480 -21.71 4.90 -3.75
N ASN A 481 -21.71 4.43 -5.00
CA ASN A 481 -22.32 5.13 -6.13
C ASN A 481 -21.56 6.37 -6.53
N TRP A 482 -20.55 6.18 -7.36
CA TRP A 482 -19.63 7.23 -7.73
C TRP A 482 -19.72 7.61 -9.19
N LYS A 483 -19.63 8.90 -9.46
CA LYS A 483 -19.46 9.42 -10.81
C LYS A 483 -18.04 9.95 -10.87
N HIS A 484 -17.24 9.40 -11.79
CA HIS A 484 -15.87 9.82 -11.94
C HIS A 484 -15.75 10.70 -13.19
N TYR A 485 -15.14 11.87 -13.02
CA TYR A 485 -14.86 12.75 -14.15
C TYR A 485 -13.36 12.86 -14.37
N PRO A 486 -12.81 12.05 -15.28
CA PRO A 486 -11.40 12.18 -15.60
C PRO A 486 -11.13 13.56 -16.21
N LEU A 487 -10.08 14.22 -15.72
CA LEU A 487 -9.75 15.56 -16.16
C LEU A 487 -8.27 15.69 -16.56
N PRO A 488 -7.89 15.02 -17.65
CA PRO A 488 -6.52 15.09 -18.16
C PRO A 488 -6.21 16.49 -18.67
N LEU A 489 -7.26 17.28 -18.91
CA LEU A 489 -7.10 18.67 -19.33
C LEU A 489 -6.23 18.77 -20.59
N ASP A 490 -6.47 17.86 -21.53
CA ASP A 490 -5.79 17.87 -22.81
C ASP A 490 -6.72 18.45 -23.87
N ASN A 491 -7.81 19.06 -23.40
CA ASN A 491 -8.86 19.56 -24.28
C ASN A 491 -9.35 20.94 -23.84
N PRO A 492 -8.42 21.91 -23.73
CA PRO A 492 -8.79 23.22 -23.22
C PRO A 492 -9.83 23.91 -24.10
N GLU A 493 -9.95 23.46 -25.33
CA GLU A 493 -10.92 24.06 -26.26
C GLU A 493 -12.35 23.70 -25.88
N LYS A 494 -12.51 22.83 -24.89
CA LYS A 494 -13.84 22.43 -24.44
C LYS A 494 -14.26 23.14 -23.16
N ILE A 495 -13.41 24.04 -22.65
CA ILE A 495 -13.76 24.84 -21.49
C ILE A 495 -14.80 25.88 -21.89
N ASP A 496 -15.99 25.78 -21.30
CA ASP A 496 -17.10 26.66 -21.67
C ASP A 496 -17.16 27.90 -20.79
N PHE A 497 -16.60 29.00 -21.27
CA PHE A 497 -16.51 30.23 -20.49
C PHE A 497 -17.83 31.01 -20.42
N SER A 498 -18.87 30.50 -21.06
CA SER A 498 -20.18 31.13 -20.97
C SER A 498 -20.90 30.65 -19.71
N LYS A 499 -20.34 29.62 -19.08
CA LYS A 499 -20.89 29.06 -17.85
C LYS A 499 -20.58 29.91 -16.63
N GLY A 500 -21.18 29.55 -15.51
CA GLY A 500 -21.05 30.34 -14.31
C GLY A 500 -19.74 30.17 -13.57
N TRP A 501 -19.41 31.17 -12.77
CA TRP A 501 -18.21 31.14 -11.93
C TRP A 501 -18.61 31.38 -10.48
N THR A 502 -17.99 30.63 -9.58
CA THR A 502 -18.23 30.78 -8.15
C THR A 502 -16.89 30.87 -7.43
N GLN A 503 -16.81 31.77 -6.46
CA GLN A 503 -15.60 31.93 -5.66
C GLN A 503 -15.30 30.66 -4.88
N GLY A 504 -14.04 30.50 -4.48
CA GLY A 504 -13.64 29.39 -3.61
C GLY A 504 -13.80 28.03 -4.25
N GLN A 505 -13.62 27.97 -5.57
CA GLN A 505 -13.67 26.71 -6.31
C GLN A 505 -12.58 26.67 -7.36
N PRO A 506 -12.18 25.46 -7.77
CA PRO A 506 -11.30 25.35 -8.92
C PRO A 506 -11.99 25.99 -10.11
N ALA A 507 -11.25 26.76 -10.91
CA ALA A 507 -11.85 27.51 -11.99
C ALA A 507 -10.85 27.79 -13.11
N PHE A 508 -11.36 28.18 -14.27
CA PHE A 508 -10.52 28.56 -15.40
C PHE A 508 -10.61 30.06 -15.63
N TYR A 509 -9.47 30.66 -15.95
CA TYR A 509 -9.42 32.11 -16.15
C TYR A 509 -8.73 32.41 -17.47
N ALA A 510 -9.39 33.20 -18.31
CA ALA A 510 -8.87 33.51 -19.64
C ALA A 510 -8.38 34.95 -19.79
N TYR A 511 -7.22 35.08 -20.42
CA TYR A 511 -6.58 36.38 -20.61
C TYR A 511 -6.17 36.52 -22.07
N ASP A 512 -6.69 37.54 -22.74
CA ASP A 512 -6.45 37.74 -24.16
C ASP A 512 -5.47 38.87 -24.41
N PHE A 513 -4.60 38.70 -25.39
CA PHE A 513 -3.62 39.72 -25.71
C PHE A 513 -3.14 39.60 -27.15
N THR A 514 -2.56 40.69 -27.65
CA THR A 514 -2.09 40.71 -29.02
C THR A 514 -0.57 40.69 -29.04
N VAL A 515 -0.01 39.96 -29.99
CA VAL A 515 1.44 39.84 -30.10
C VAL A 515 1.87 40.21 -31.51
N GLU A 516 2.81 41.14 -31.59
CA GLU A 516 3.35 41.58 -32.87
C GLU A 516 4.32 40.52 -33.40
N GLU A 517 5.41 40.36 -32.67
CA GLU A 517 6.45 39.39 -33.03
C GLU A 517 6.67 38.48 -31.84
N PRO A 518 6.27 37.21 -31.96
CA PRO A 518 6.40 36.25 -30.86
C PRO A 518 7.83 36.13 -30.35
N LYS A 519 8.01 36.28 -29.04
CA LYS A 519 9.31 36.08 -28.41
C LYS A 519 9.15 35.29 -27.11
N ASP A 520 10.21 34.60 -26.71
CA ASP A 520 10.24 33.92 -25.42
C ASP A 520 9.75 34.87 -24.33
N THR A 521 9.02 34.33 -23.35
CA THR A 521 8.59 35.15 -22.24
C THR A 521 8.27 34.25 -21.04
N TYR A 522 7.96 34.87 -19.90
CA TYR A 522 7.60 34.11 -18.70
C TYR A 522 6.28 34.59 -18.14
N LEU A 523 5.38 33.66 -17.88
CA LEU A 523 4.11 33.97 -17.25
C LEU A 523 4.29 34.04 -15.75
N ASP A 524 4.01 35.21 -15.18
CA ASP A 524 4.17 35.42 -13.75
C ASP A 524 2.94 34.86 -13.04
N LEU A 525 3.15 33.88 -12.17
CA LEU A 525 2.04 33.25 -11.47
C LEU A 525 2.20 33.39 -9.96
N SER A 526 2.95 34.40 -9.55
CA SER A 526 3.24 34.59 -8.13
C SER A 526 1.97 34.79 -7.31
N GLU A 527 0.93 35.32 -7.94
CA GLU A 527 -0.32 35.63 -7.22
C GLU A 527 -1.44 34.64 -7.49
N PHE A 528 -1.09 33.49 -8.05
CA PHE A 528 -2.06 32.42 -8.26
C PHE A 528 -1.65 31.27 -7.33
N GLY A 529 -2.63 30.53 -6.82
CA GLY A 529 -2.37 29.50 -5.83
C GLY A 529 -1.66 28.28 -6.39
N LYS A 530 -2.38 27.51 -7.18
CA LYS A 530 -1.85 26.28 -7.73
C LYS A 530 -2.68 25.87 -8.93
N GLY A 531 -2.05 25.25 -9.93
CA GLY A 531 -2.78 24.81 -11.09
C GLY A 531 -1.88 24.56 -12.29
N VAL A 532 -2.44 24.72 -13.48
CA VAL A 532 -1.66 24.65 -14.71
C VAL A 532 -2.08 25.83 -15.58
N ALA A 533 -1.29 26.12 -16.60
CA ALA A 533 -1.63 27.20 -17.52
C ALA A 533 -1.48 26.75 -18.95
N PHE A 534 -2.34 27.29 -19.82
CA PHE A 534 -2.26 27.01 -21.23
C PHE A 534 -2.02 28.30 -21.99
N VAL A 535 -1.25 28.21 -23.07
CA VAL A 535 -1.18 29.32 -24.00
C VAL A 535 -1.59 28.79 -25.36
N ASN A 536 -2.65 29.38 -25.91
CA ASN A 536 -3.18 28.95 -27.19
C ASN A 536 -3.42 27.44 -27.20
N GLY A 537 -3.93 26.93 -26.07
CA GLY A 537 -4.31 25.53 -25.98
C GLY A 537 -3.18 24.59 -25.59
N GLN A 538 -1.99 25.15 -25.41
CA GLN A 538 -0.82 24.31 -25.07
C GLN A 538 -0.51 24.38 -23.59
N ASN A 539 -0.52 23.22 -22.94
CA ASN A 539 -0.26 23.11 -21.51
C ASN A 539 1.19 23.39 -21.14
N LEU A 540 1.42 24.52 -20.49
CA LEU A 540 2.76 24.96 -20.13
C LEU A 540 3.34 24.18 -18.96
N GLY A 541 2.48 23.49 -18.21
CA GLY A 541 2.92 22.81 -17.00
C GLY A 541 2.27 23.36 -15.74
N ARG A 542 2.74 22.89 -14.59
CA ARG A 542 2.15 23.26 -13.31
C ARG A 542 2.77 24.50 -12.68
N PHE A 543 1.98 25.21 -11.88
CA PHE A 543 2.49 26.24 -11.01
C PHE A 543 1.97 26.02 -9.60
N TRP A 544 2.67 26.58 -8.62
CA TRP A 544 2.33 26.43 -7.20
C TRP A 544 3.07 27.54 -6.45
N ASN A 545 2.31 28.40 -5.78
CA ASN A 545 2.89 29.58 -5.18
C ASN A 545 3.83 29.30 -4.01
N VAL A 546 3.99 28.03 -3.66
CA VAL A 546 5.01 27.65 -2.68
C VAL A 546 6.43 27.83 -3.25
N GLY A 547 6.54 27.93 -4.56
CA GLY A 547 7.85 28.09 -5.20
C GLY A 547 8.68 26.83 -5.08
N PRO A 548 9.99 26.95 -5.37
CA PRO A 548 10.75 28.18 -5.61
C PRO A 548 10.43 28.89 -6.91
N THR A 549 9.98 28.14 -7.92
CA THR A 549 9.61 28.76 -9.19
C THR A 549 8.20 29.33 -9.11
N LEU A 550 8.04 30.57 -9.55
CA LEU A 550 6.75 31.24 -9.53
C LEU A 550 6.28 31.63 -10.92
N SER A 551 6.98 31.15 -11.95
CA SER A 551 6.63 31.44 -13.33
C SER A 551 6.55 30.17 -14.18
N LEU A 552 5.96 30.33 -15.38
CA LEU A 552 5.98 29.30 -16.39
C LEU A 552 6.61 29.88 -17.66
N TYR A 553 7.63 29.18 -18.16
CA TYR A 553 8.28 29.58 -19.40
C TYR A 553 7.34 29.41 -20.58
N ILE A 554 7.25 30.45 -21.41
CA ILE A 554 6.52 30.38 -22.68
C ILE A 554 7.49 30.52 -23.86
N PRO A 555 7.75 29.42 -24.58
CA PRO A 555 8.61 29.51 -25.76
C PRO A 555 7.95 30.38 -26.82
N HIS A 556 8.76 31.10 -27.59
CA HIS A 556 8.22 31.96 -28.63
C HIS A 556 7.27 31.19 -29.54
N SER A 557 7.58 29.92 -29.79
CA SER A 557 6.78 29.15 -30.75
C SER A 557 5.39 28.81 -30.23
N TYR A 558 5.16 29.01 -28.94
CA TYR A 558 3.84 28.79 -28.35
C TYR A 558 2.93 30.00 -28.60
N LEU A 559 3.56 31.13 -28.93
CA LEU A 559 2.83 32.35 -29.22
C LEU A 559 2.57 32.47 -30.72
N LYS A 560 1.55 33.24 -31.08
CA LYS A 560 1.23 33.44 -32.49
C LYS A 560 1.21 34.94 -32.79
N GLU A 561 1.35 35.29 -34.05
CA GLU A 561 1.23 36.69 -34.44
C GLU A 561 -0.24 37.08 -34.31
N GLY A 562 -0.52 38.20 -33.67
CA GLY A 562 -1.90 38.62 -33.46
C GLY A 562 -2.49 38.14 -32.15
N ALA A 563 -3.72 37.63 -32.21
CA ALA A 563 -4.48 37.29 -31.01
C ALA A 563 -3.97 36.04 -30.30
N ASN A 564 -3.71 36.19 -29.00
CA ASN A 564 -3.33 35.05 -28.17
C ASN A 564 -4.23 34.94 -26.95
N ARG A 565 -4.43 33.73 -26.47
CA ARG A 565 -5.19 33.50 -25.26
C ARG A 565 -4.41 32.62 -24.30
N ILE A 566 -4.33 33.06 -23.05
CA ILE A 566 -3.78 32.24 -21.96
C ILE A 566 -4.91 31.86 -21.01
N ILE A 567 -5.04 30.56 -20.76
CA ILE A 567 -6.02 30.06 -19.81
C ILE A 567 -5.30 29.49 -18.59
N ILE A 568 -5.68 29.98 -17.42
CA ILE A 568 -5.15 29.48 -16.18
C ILE A 568 -6.21 28.63 -15.46
N PHE A 569 -5.85 27.39 -15.17
CA PHE A 569 -6.69 26.56 -14.31
C PHE A 569 -6.08 26.66 -12.93
N GLU A 570 -6.86 27.16 -11.99
CA GLU A 570 -6.36 27.43 -10.65
C GLU A 570 -7.30 26.77 -9.67
N THR A 571 -6.73 26.02 -8.73
CA THR A 571 -7.53 25.14 -7.87
C THR A 571 -7.74 25.68 -6.46
N GLU A 572 -6.97 26.69 -6.06
CA GLU A 572 -6.97 27.15 -4.67
C GLU A 572 -7.96 28.28 -4.39
N GLY A 573 -8.50 28.88 -5.46
CA GLY A 573 -9.39 30.03 -5.33
C GLY A 573 -8.61 31.33 -5.24
N GLN A 574 -7.29 31.25 -5.46
CA GLN A 574 -6.41 32.41 -5.42
C GLN A 574 -5.98 32.79 -6.83
N TYR A 575 -6.47 33.93 -7.32
CA TYR A 575 -6.23 34.34 -8.69
C TYR A 575 -6.07 35.85 -8.79
N LYS A 576 -5.74 36.32 -9.99
CA LYS A 576 -5.56 37.75 -10.23
C LYS A 576 -6.39 38.19 -11.43
N GLU A 577 -6.85 39.43 -11.42
CA GLU A 577 -7.69 39.96 -12.50
C GLU A 577 -6.84 40.41 -13.68
N GLU A 578 -5.53 40.23 -13.58
CA GLU A 578 -4.64 40.51 -14.69
C GLU A 578 -3.37 39.68 -14.56
N ILE A 579 -2.69 39.44 -15.68
CA ILE A 579 -1.44 38.71 -15.66
C ILE A 579 -0.33 39.51 -16.33
N HIS A 580 0.91 39.20 -15.97
CA HIS A 580 2.06 39.87 -16.55
C HIS A 580 2.98 38.84 -17.21
N LEU A 581 3.51 39.18 -18.38
CA LEU A 581 4.52 38.37 -19.02
C LEU A 581 5.83 39.11 -18.88
N THR A 582 6.84 38.44 -18.33
CA THR A 582 8.10 39.07 -17.97
C THR A 582 9.26 38.52 -18.80
N ARG A 583 10.37 39.24 -18.84
CA ARG A 583 11.55 38.82 -19.61
C ARG A 583 12.34 37.71 -18.91
N LYS A 584 12.28 37.72 -17.58
CA LYS A 584 12.98 36.73 -16.77
C LYS A 584 11.99 36.08 -15.80
N PRO A 585 12.26 34.85 -15.38
CA PRO A 585 11.38 34.12 -14.46
C PRO A 585 11.36 34.71 -13.06
N THR A 586 10.22 34.59 -12.39
CA THR A 586 10.07 35.03 -11.02
C THR A 586 10.38 33.87 -10.08
N LEU A 587 11.21 34.14 -9.08
CA LEU A 587 11.62 33.11 -8.13
C LEU A 587 11.29 33.48 -6.69
N LYS A 588 11.11 32.45 -5.86
CA LYS A 588 10.84 32.62 -4.44
C LYS A 588 11.97 31.99 -3.65
N HIS A 589 12.45 32.69 -2.63
CA HIS A 589 13.44 32.10 -1.73
C HIS A 589 12.77 31.05 -0.86
N ILE A 590 13.48 29.94 -0.63
CA ILE A 590 12.95 28.86 0.20
C ILE A 590 13.81 28.70 1.44
N LYS A 591 13.17 28.71 2.61
CA LYS A 591 13.87 28.57 3.87
C LYS A 591 14.69 27.28 3.94
N THR B 2 -44.82 -22.04 12.31
CA THR B 2 -43.47 -22.17 12.93
C THR B 2 -43.56 -21.93 14.43
N ARG B 3 -42.57 -22.44 15.17
CA ARG B 3 -42.58 -22.34 16.63
C ARG B 3 -42.12 -20.97 17.10
N PHE B 4 -41.20 -20.37 16.37
CA PHE B 4 -40.63 -19.09 16.76
C PHE B 4 -40.92 -18.04 15.69
N GLU B 5 -41.50 -16.93 16.12
CA GLU B 5 -41.91 -15.87 15.19
C GLU B 5 -41.42 -14.52 15.70
N ILE B 6 -41.06 -13.64 14.77
CA ILE B 6 -40.80 -12.24 15.11
C ILE B 6 -41.96 -11.39 14.61
N ARG B 7 -42.81 -10.96 15.53
CA ARG B 7 -43.92 -10.06 15.22
C ARG B 7 -43.68 -8.75 15.95
N ASP B 8 -44.71 -8.24 16.61
CA ASP B 8 -44.56 -7.05 17.43
C ASP B 8 -43.73 -7.40 18.66
N ASP B 9 -43.56 -8.70 18.87
CA ASP B 9 -42.72 -9.23 19.95
C ASP B 9 -42.12 -10.55 19.44
N PHE B 10 -41.17 -11.11 20.18
CA PHE B 10 -40.76 -12.49 19.89
C PHE B 10 -41.85 -13.39 20.44
N TYR B 11 -42.24 -14.39 19.67
CA TYR B 11 -43.19 -15.39 20.14
C TYR B 11 -42.62 -16.77 19.96
N LEU B 12 -42.75 -17.57 21.03
CA LEU B 12 -42.33 -18.96 21.02
C LEU B 12 -43.56 -19.77 21.37
N ASP B 13 -44.01 -20.59 20.43
CA ASP B 13 -45.24 -21.37 20.61
C ASP B 13 -46.42 -20.48 20.96
N GLY B 14 -46.51 -19.33 20.29
CA GLY B 14 -47.64 -18.42 20.47
C GLY B 14 -47.61 -17.58 21.74
N LYS B 15 -46.52 -17.68 22.49
CA LYS B 15 -46.40 -16.89 23.72
C LYS B 15 -45.20 -15.95 23.65
N SER B 16 -45.38 -14.75 24.16
CA SER B 16 -44.30 -13.77 24.15
C SER B 16 -43.08 -14.37 24.82
N PHE B 17 -41.91 -14.07 24.27
CA PHE B 17 -40.70 -14.73 24.66
C PHE B 17 -39.57 -13.71 24.76
N LYS B 18 -38.83 -13.74 25.87
CA LYS B 18 -37.66 -12.89 26.00
C LYS B 18 -36.43 -13.74 25.79
N ILE B 19 -35.53 -13.29 24.91
CA ILE B 19 -34.29 -14.00 24.66
C ILE B 19 -33.22 -13.50 25.63
N LEU B 20 -32.68 -14.43 26.42
CA LEU B 20 -31.58 -14.17 27.31
C LEU B 20 -30.41 -15.02 26.84
N SER B 21 -29.55 -14.41 26.04
CA SER B 21 -28.49 -15.15 25.36
C SER B 21 -27.14 -14.71 25.88
N GLY B 22 -26.17 -15.61 25.78
CA GLY B 22 -24.77 -15.28 26.06
C GLY B 22 -23.90 -15.80 24.93
N ALA B 23 -22.88 -15.03 24.56
CA ALA B 23 -21.98 -15.44 23.48
C ALA B 23 -20.90 -16.36 24.02
N ILE B 24 -20.75 -17.51 23.36
CA ILE B 24 -19.66 -18.43 23.63
C ILE B 24 -19.24 -18.90 22.24
N HIS B 25 -17.99 -18.63 21.86
CA HIS B 25 -17.53 -19.05 20.55
C HIS B 25 -16.91 -20.43 20.65
N TYR B 26 -17.52 -21.40 19.98
CA TYR B 26 -17.12 -22.80 20.12
C TYR B 26 -15.63 -22.95 19.81
N PHE B 27 -15.13 -22.09 18.93
CA PHE B 27 -13.75 -22.24 18.45
C PHE B 27 -12.73 -21.61 19.40
N ARG B 28 -13.22 -20.97 20.45
CA ARG B 28 -12.34 -20.33 21.44
C ARG B 28 -12.34 -21.06 22.78
N VAL B 29 -13.11 -22.14 22.87
CA VAL B 29 -13.19 -22.95 24.08
C VAL B 29 -12.98 -24.40 23.66
N PRO B 30 -12.06 -25.12 24.33
CA PRO B 30 -11.85 -26.50 23.91
C PRO B 30 -13.13 -27.31 24.08
N PRO B 31 -13.38 -28.27 23.18
CA PRO B 31 -14.65 -28.98 23.17
C PRO B 31 -14.92 -29.71 24.49
N GLU B 32 -13.85 -30.12 25.16
CA GLU B 32 -13.98 -30.81 26.43
C GLU B 32 -14.65 -29.92 27.48
N ASP B 33 -14.59 -28.60 27.26
CA ASP B 33 -15.20 -27.65 28.18
C ASP B 33 -16.48 -26.97 27.65
N TRP B 34 -17.00 -27.44 26.52
CA TRP B 34 -18.24 -26.88 26.01
C TRP B 34 -19.39 -27.08 27.00
N TYR B 35 -19.51 -28.29 27.53
CA TYR B 35 -20.58 -28.56 28.49
C TYR B 35 -20.45 -27.63 29.70
N HIS B 36 -19.24 -27.53 30.23
CA HIS B 36 -19.00 -26.69 31.40
C HIS B 36 -19.47 -25.26 31.18
N SER B 37 -19.08 -24.68 30.05
CA SER B 37 -19.41 -23.29 29.77
C SER B 37 -20.91 -23.11 29.53
N LEU B 38 -21.46 -23.98 28.70
CA LEU B 38 -22.90 -23.95 28.43
C LEU B 38 -23.72 -24.18 29.69
N TYR B 39 -23.24 -25.08 30.55
CA TYR B 39 -23.95 -25.34 31.80
C TYR B 39 -24.02 -24.06 32.63
N ASN B 40 -22.90 -23.36 32.72
CA ASN B 40 -22.85 -22.12 33.50
C ASN B 40 -23.74 -21.03 32.94
N LEU B 41 -23.95 -21.06 31.63
CA LEU B 41 -24.87 -20.12 31.00
C LEU B 41 -26.32 -20.46 31.40
N LYS B 42 -26.70 -21.73 31.26
CA LYS B 42 -28.01 -22.18 31.74
C LYS B 42 -28.21 -21.88 33.23
N ALA B 43 -27.16 -22.09 34.01
CA ALA B 43 -27.24 -21.95 35.48
C ALA B 43 -27.56 -20.52 35.89
N LEU B 44 -27.23 -19.57 35.02
CA LEU B 44 -27.44 -18.16 35.30
C LEU B 44 -28.92 -17.81 35.14
N GLY B 45 -29.66 -18.71 34.50
CA GLY B 45 -31.07 -18.47 34.21
C GLY B 45 -31.26 -18.04 32.77
N PHE B 46 -30.17 -18.05 32.01
CA PHE B 46 -30.26 -17.67 30.59
C PHE B 46 -30.81 -18.83 29.77
N ASN B 47 -31.37 -18.52 28.61
CA ASN B 47 -32.08 -19.54 27.83
C ASN B 47 -31.51 -19.83 26.44
N THR B 48 -30.47 -19.09 26.06
CA THR B 48 -29.97 -19.14 24.69
C THR B 48 -28.46 -18.94 24.66
N VAL B 49 -27.80 -19.63 23.74
CA VAL B 49 -26.39 -19.38 23.47
C VAL B 49 -26.25 -18.82 22.07
N GLU B 50 -25.28 -17.93 21.86
CA GLU B 50 -25.04 -17.38 20.54
C GLU B 50 -23.58 -17.59 20.16
N THR B 51 -23.33 -17.89 18.89
CA THR B 51 -21.96 -18.01 18.43
C THR B 51 -21.80 -17.55 16.99
N TYR B 52 -20.63 -16.97 16.71
CA TYR B 52 -20.20 -16.76 15.34
C TYR B 52 -19.78 -18.09 14.75
N VAL B 53 -19.67 -18.15 13.43
CA VAL B 53 -19.02 -19.26 12.75
C VAL B 53 -17.83 -18.67 12.01
N ALA B 54 -16.65 -19.24 12.20
CA ALA B 54 -15.43 -18.67 11.61
C ALA B 54 -15.07 -19.33 10.29
N TRP B 55 -15.34 -18.65 9.19
CA TRP B 55 -15.04 -19.18 7.86
C TRP B 55 -13.59 -19.62 7.75
N ASN B 56 -12.68 -18.80 8.26
CA ASN B 56 -11.25 -19.10 8.11
C ASN B 56 -10.77 -20.34 8.88
N LEU B 57 -11.58 -20.81 9.82
CA LEU B 57 -11.30 -22.09 10.48
C LEU B 57 -11.87 -23.26 9.69
N HIS B 58 -13.06 -23.08 9.15
CA HIS B 58 -13.77 -24.17 8.46
C HIS B 58 -13.32 -24.40 7.03
N GLU B 59 -12.78 -23.36 6.39
CA GLU B 59 -12.19 -23.51 5.07
C GLU B 59 -10.81 -22.84 5.05
N PRO B 60 -9.86 -23.46 5.76
CA PRO B 60 -8.53 -22.88 5.99
C PRO B 60 -7.72 -22.77 4.71
N CYS B 61 -7.98 -23.67 3.77
CA CYS B 61 -7.44 -23.57 2.41
C CYS B 61 -8.61 -23.76 1.45
N GLU B 62 -8.57 -23.11 0.29
CA GLU B 62 -9.73 -23.17 -0.59
C GLU B 62 -10.14 -24.62 -0.84
N GLY B 63 -11.44 -24.90 -0.69
CA GLY B 63 -11.98 -26.23 -0.99
C GLY B 63 -11.70 -27.31 0.05
N GLU B 64 -10.99 -26.94 1.11
CA GLU B 64 -10.67 -27.90 2.17
C GLU B 64 -11.50 -27.57 3.41
N PHE B 65 -12.45 -28.43 3.74
CA PHE B 65 -13.39 -28.13 4.81
C PHE B 65 -13.18 -28.97 6.04
N HIS B 66 -13.31 -28.33 7.19
CA HIS B 66 -13.14 -29.00 8.48
C HIS B 66 -14.29 -28.67 9.41
N PHE B 67 -14.98 -29.71 9.87
CA PHE B 67 -16.13 -29.53 10.77
C PHE B 67 -16.11 -30.50 11.96
N GLU B 68 -14.95 -31.01 12.30
CA GLU B 68 -14.83 -31.99 13.37
C GLU B 68 -13.92 -31.47 14.47
N GLY B 69 -13.86 -32.22 15.56
CA GLY B 69 -12.97 -31.89 16.66
C GLY B 69 -13.26 -30.54 17.30
N ASP B 70 -12.23 -29.70 17.38
CA ASP B 70 -12.37 -28.35 17.93
C ASP B 70 -13.35 -27.51 17.12
N LEU B 71 -13.66 -27.97 15.91
CA LEU B 71 -14.51 -27.19 15.02
C LEU B 71 -15.87 -27.86 14.83
N ASP B 72 -16.22 -28.78 15.71
CA ASP B 72 -17.48 -29.51 15.56
C ASP B 72 -18.65 -28.68 16.06
N LEU B 73 -19.02 -27.68 15.28
CA LEU B 73 -20.14 -26.80 15.60
C LEU B 73 -21.42 -27.56 15.85
N GLU B 74 -21.66 -28.62 15.08
CA GLU B 74 -22.86 -29.42 15.28
C GLU B 74 -22.90 -30.02 16.68
N LYS B 75 -21.77 -30.52 17.16
CA LYS B 75 -21.71 -31.08 18.51
C LYS B 75 -21.96 -30.00 19.56
N PHE B 76 -21.32 -28.84 19.37
CA PHE B 76 -21.52 -27.71 20.25
C PHE B 76 -23.02 -27.39 20.37
N LEU B 77 -23.71 -27.33 19.24
CA LEU B 77 -25.14 -27.04 19.24
C LEU B 77 -25.94 -28.14 19.93
N GLN B 78 -25.51 -29.39 19.76
CA GLN B 78 -26.18 -30.53 20.40
C GLN B 78 -26.03 -30.47 21.91
N ILE B 79 -24.84 -30.12 22.37
CA ILE B 79 -24.60 -30.00 23.80
C ILE B 79 -25.52 -28.92 24.36
N ALA B 80 -25.62 -27.82 23.64
CA ALA B 80 -26.51 -26.73 24.04
C ALA B 80 -27.95 -27.20 24.07
N GLN B 81 -28.40 -27.90 23.01
CA GLN B 81 -29.77 -28.40 22.97
C GLN B 81 -30.06 -29.35 24.14
N ASP B 82 -29.11 -30.22 24.43
CA ASP B 82 -29.27 -31.18 25.52
C ASP B 82 -29.42 -30.49 26.87
N LEU B 83 -28.79 -29.33 27.01
CA LEU B 83 -28.92 -28.51 28.21
C LEU B 83 -30.17 -27.63 28.21
N GLY B 84 -31.01 -27.79 27.19
CA GLY B 84 -32.25 -27.01 27.09
C GLY B 84 -32.02 -25.55 26.74
N LEU B 85 -30.94 -25.28 26.00
CA LEU B 85 -30.65 -23.94 25.53
C LEU B 85 -31.02 -23.81 24.06
N TYR B 86 -31.58 -22.66 23.68
CA TYR B 86 -31.78 -22.33 22.29
C TYR B 86 -30.47 -21.77 21.75
N ALA B 87 -30.41 -21.56 20.45
CA ALA B 87 -29.18 -21.07 19.83
C ALA B 87 -29.47 -19.99 18.82
N ILE B 88 -28.58 -19.01 18.78
CA ILE B 88 -28.54 -18.04 17.70
C ILE B 88 -27.20 -18.26 17.03
N VAL B 89 -27.21 -18.44 15.72
CA VAL B 89 -25.97 -18.62 14.97
C VAL B 89 -25.74 -17.43 14.07
N ARG B 90 -24.51 -16.94 14.05
CA ARG B 90 -24.17 -15.79 13.25
C ARG B 90 -23.07 -16.18 12.27
N PRO B 91 -23.45 -16.80 11.15
CA PRO B 91 -22.52 -17.46 10.25
C PRO B 91 -22.06 -16.55 9.12
N SER B 92 -21.84 -15.29 9.42
CA SER B 92 -21.41 -14.32 8.41
C SER B 92 -20.01 -14.66 7.88
N PRO B 93 -19.75 -14.39 6.60
CA PRO B 93 -18.37 -14.59 6.13
C PRO B 93 -17.42 -13.68 6.91
N PHE B 94 -17.93 -12.52 7.32
CA PHE B 94 -17.17 -11.58 8.14
C PHE B 94 -17.80 -11.54 9.52
N ILE B 95 -17.03 -11.86 10.56
CA ILE B 95 -17.55 -11.84 11.91
C ILE B 95 -16.91 -10.78 12.81
N CYS B 96 -15.85 -10.13 12.32
CA CYS B 96 -15.12 -9.14 13.12
C CYS B 96 -14.48 -9.87 14.30
N ALA B 97 -15.14 -9.78 15.46
CA ALA B 97 -14.92 -10.74 16.55
C ALA B 97 -13.51 -10.73 17.17
N GLU B 98 -12.77 -9.66 16.98
CA GLU B 98 -11.36 -9.62 17.43
C GLU B 98 -10.68 -10.91 16.96
N TRP B 99 -10.87 -11.22 15.69
CA TRP B 99 -10.44 -12.50 15.16
C TRP B 99 -9.70 -12.27 13.85
N GLU B 100 -8.69 -13.09 13.56
CA GLU B 100 -7.85 -12.91 12.36
C GLU B 100 -8.65 -12.51 11.12
N PHE B 101 -8.36 -11.34 10.54
CA PHE B 101 -8.99 -10.91 9.29
C PHE B 101 -10.52 -10.93 9.39
N GLY B 102 -11.05 -10.75 10.59
CA GLY B 102 -12.50 -10.75 10.80
C GLY B 102 -13.19 -12.03 10.35
N GLY B 103 -12.44 -13.13 10.32
CA GLY B 103 -13.00 -14.42 9.95
C GLY B 103 -12.80 -14.81 8.49
N LEU B 104 -12.37 -13.86 7.66
CA LEU B 104 -12.17 -14.18 6.25
C LEU B 104 -10.93 -15.05 6.06
N PRO B 105 -11.02 -16.07 5.21
CA PRO B 105 -9.85 -16.86 4.88
C PRO B 105 -8.80 -15.99 4.19
N ALA B 106 -7.55 -16.18 4.58
CA ALA B 106 -6.47 -15.34 4.07
C ALA B 106 -6.27 -15.59 2.58
N TRP B 107 -6.64 -16.77 2.11
CA TRP B 107 -6.44 -17.09 0.70
C TRP B 107 -7.31 -16.26 -0.24
N LEU B 108 -8.30 -15.56 0.29
CA LEU B 108 -9.09 -14.64 -0.55
C LEU B 108 -8.21 -13.48 -1.03
N LEU B 109 -7.12 -13.22 -0.31
CA LEU B 109 -6.28 -12.07 -0.61
C LEU B 109 -5.48 -12.26 -1.90
N THR B 110 -5.48 -13.48 -2.43
CA THR B 110 -4.78 -13.75 -3.68
C THR B 110 -5.73 -13.77 -4.86
N LYS B 111 -7.02 -13.58 -4.59
CA LYS B 111 -8.05 -13.71 -5.62
C LYS B 111 -8.42 -12.40 -6.28
N ASN B 112 -8.85 -12.49 -7.54
CA ASN B 112 -9.34 -11.34 -8.26
C ASN B 112 -10.78 -11.10 -7.86
N MET B 113 -10.97 -10.40 -6.76
CA MET B 113 -12.32 -10.16 -6.24
C MET B 113 -12.28 -8.99 -5.28
N ARG B 114 -13.44 -8.37 -5.08
CA ARG B 114 -13.60 -7.36 -4.06
C ARG B 114 -14.22 -8.03 -2.84
N ILE B 115 -13.40 -8.29 -1.83
CA ILE B 115 -13.86 -8.96 -0.63
C ILE B 115 -14.91 -8.14 0.10
N ARG B 116 -15.91 -8.82 0.65
CA ARG B 116 -16.96 -8.18 1.44
C ARG B 116 -17.70 -7.11 0.64
N SER B 117 -18.25 -7.51 -0.50
CA SER B 117 -19.01 -6.62 -1.37
C SER B 117 -19.93 -7.51 -2.20
N SER B 118 -20.71 -6.86 -3.07
CA SER B 118 -21.63 -7.57 -3.97
C SER B 118 -20.91 -8.17 -5.17
N ASP B 119 -19.60 -8.04 -5.24
CA ASP B 119 -18.83 -8.66 -6.32
C ASP B 119 -19.18 -10.15 -6.44
N PRO B 120 -19.64 -10.58 -7.61
CA PRO B 120 -20.07 -11.96 -7.79
C PRO B 120 -18.98 -12.98 -7.44
N ALA B 121 -17.73 -12.66 -7.76
CA ALA B 121 -16.63 -13.57 -7.47
C ALA B 121 -16.56 -13.86 -5.96
N TYR B 122 -16.73 -12.83 -5.15
CA TYR B 122 -16.73 -13.00 -3.71
C TYR B 122 -17.99 -13.72 -3.25
N ILE B 123 -19.15 -13.31 -3.77
CA ILE B 123 -20.40 -13.94 -3.36
C ILE B 123 -20.36 -15.43 -3.69
N GLU B 124 -19.75 -15.78 -4.81
CA GLU B 124 -19.68 -17.18 -5.19
C GLU B 124 -18.80 -17.99 -4.24
N ALA B 125 -17.73 -17.40 -3.73
CA ALA B 125 -16.88 -18.08 -2.76
C ALA B 125 -17.66 -18.32 -1.47
N VAL B 126 -18.39 -17.30 -1.02
CA VAL B 126 -19.21 -17.45 0.17
C VAL B 126 -20.24 -18.56 -0.05
N GLY B 127 -20.80 -18.59 -1.26
CA GLY B 127 -21.78 -19.61 -1.61
C GLY B 127 -21.23 -21.02 -1.48
N ARG B 128 -20.01 -21.23 -1.98
CA ARG B 128 -19.42 -22.58 -1.92
C ARG B 128 -19.16 -22.98 -0.47
N TYR B 129 -18.87 -21.98 0.37
CA TYR B 129 -18.68 -22.22 1.79
C TYR B 129 -20.03 -22.54 2.44
N TYR B 130 -21.05 -21.74 2.13
CA TYR B 130 -22.37 -21.97 2.67
C TYR B 130 -22.93 -23.34 2.26
N ASP B 131 -22.58 -23.78 1.06
CA ASP B 131 -22.98 -25.12 0.59
C ASP B 131 -22.51 -26.23 1.53
N GLN B 132 -21.41 -25.98 2.24
CA GLN B 132 -20.88 -26.97 3.18
C GLN B 132 -21.35 -26.70 4.60
N LEU B 133 -21.50 -25.43 4.95
CA LEU B 133 -21.83 -25.06 6.34
C LEU B 133 -23.32 -25.17 6.62
N LEU B 134 -24.13 -24.56 5.77
CA LEU B 134 -25.55 -24.39 6.10
C LEU B 134 -26.36 -25.69 6.17
N PRO B 135 -26.10 -26.65 5.27
CA PRO B 135 -26.83 -27.93 5.37
C PRO B 135 -26.61 -28.66 6.70
N ARG B 136 -25.52 -28.33 7.39
CA ARG B 136 -25.28 -28.90 8.71
C ARG B 136 -26.15 -28.22 9.76
N LEU B 137 -26.61 -27.03 9.46
CA LEU B 137 -27.37 -26.26 10.43
C LEU B 137 -28.88 -26.35 10.22
N VAL B 138 -29.30 -26.60 8.98
CA VAL B 138 -30.73 -26.65 8.69
C VAL B 138 -31.49 -27.67 9.54
N PRO B 139 -30.95 -28.87 9.71
CA PRO B 139 -31.65 -29.86 10.54
C PRO B 139 -31.71 -29.44 12.01
N ARG B 140 -30.92 -28.44 12.37
CA ARG B 140 -30.86 -27.99 13.76
C ARG B 140 -31.67 -26.72 14.01
N LEU B 141 -32.39 -26.26 12.99
CA LEU B 141 -33.38 -25.22 13.20
C LEU B 141 -34.45 -25.72 14.16
N LEU B 142 -34.98 -24.83 14.98
CA LEU B 142 -36.04 -25.17 15.91
C LEU B 142 -37.19 -25.92 15.22
N ASP B 143 -37.62 -25.43 14.06
CA ASP B 143 -38.76 -26.04 13.37
C ASP B 143 -38.45 -27.44 12.86
N ASN B 144 -37.17 -27.80 12.81
CA ASN B 144 -36.77 -29.12 12.35
C ASN B 144 -36.40 -30.05 13.51
N GLY B 145 -36.66 -29.59 14.74
CA GLY B 145 -36.41 -30.42 15.92
C GLY B 145 -35.11 -30.06 16.61
N GLY B 146 -34.44 -29.03 16.13
CA GLY B 146 -33.21 -28.55 16.75
C GLY B 146 -33.47 -27.41 17.71
N ASN B 147 -32.46 -26.54 17.88
CA ASN B 147 -32.59 -25.44 18.84
C ASN B 147 -32.27 -24.05 18.28
N ILE B 148 -31.99 -23.95 16.99
CA ILE B 148 -31.62 -22.65 16.42
C ILE B 148 -32.85 -21.79 16.17
N LEU B 149 -32.87 -20.60 16.78
CA LEU B 149 -34.00 -19.68 16.67
C LEU B 149 -33.92 -18.83 15.42
N MET B 150 -32.74 -18.24 15.20
CA MET B 150 -32.53 -17.31 14.11
C MET B 150 -31.05 -17.18 13.79
N MET B 151 -30.76 -16.58 12.65
CA MET B 151 -29.39 -16.40 12.19
C MET B 151 -29.18 -15.00 11.64
N GLN B 152 -27.94 -14.54 11.75
CA GLN B 152 -27.59 -13.20 11.33
C GLN B 152 -27.12 -13.13 9.87
N VAL B 153 -27.52 -12.06 9.21
CA VAL B 153 -27.07 -11.73 7.86
C VAL B 153 -25.90 -10.74 7.96
N GLU B 154 -24.73 -11.15 7.47
CA GLU B 154 -23.52 -10.35 7.62
C GLU B 154 -23.28 -10.03 9.09
N ASN B 155 -22.57 -8.95 9.38
CA ASN B 155 -22.25 -8.58 10.74
C ASN B 155 -21.78 -7.14 10.85
N GLU B 156 -22.57 -6.30 11.52
CA GLU B 156 -22.20 -4.89 11.70
C GLU B 156 -21.77 -4.27 10.37
N TYR B 157 -22.52 -4.58 9.32
CA TYR B 157 -22.13 -4.11 8.00
C TYR B 157 -22.18 -2.58 7.90
N GLY B 158 -23.03 -1.96 8.73
CA GLY B 158 -23.15 -0.50 8.75
C GLY B 158 -21.89 0.17 9.24
N SER B 159 -20.98 -0.61 9.81
CA SER B 159 -19.68 -0.08 10.23
C SER B 159 -18.62 -0.35 9.18
N TYR B 160 -19.06 -0.66 7.97
CA TYR B 160 -18.12 -0.93 6.86
C TYR B 160 -18.60 -0.39 5.52
N GLY B 161 -19.87 -0.58 5.20
CA GLY B 161 -20.34 -0.16 3.87
C GLY B 161 -21.83 0.09 3.80
N GLU B 162 -22.32 0.30 2.58
CA GLU B 162 -23.75 0.52 2.37
C GLU B 162 -24.24 -0.19 1.10
N ASP B 163 -23.53 -1.26 0.72
CA ASP B 163 -23.84 -2.05 -0.48
C ASP B 163 -25.05 -2.92 -0.19
N LYS B 164 -26.24 -2.43 -0.52
CA LYS B 164 -27.45 -3.17 -0.23
C LYS B 164 -27.55 -4.47 -1.02
N ALA B 165 -27.04 -4.45 -2.25
CA ALA B 165 -27.00 -5.67 -3.07
C ALA B 165 -26.22 -6.77 -2.37
N TYR B 166 -25.19 -6.39 -1.62
CA TYR B 166 -24.41 -7.36 -0.85
C TYR B 166 -25.23 -8.03 0.26
N LEU B 167 -25.87 -7.21 1.08
CA LEU B 167 -26.74 -7.74 2.12
C LEU B 167 -27.84 -8.61 1.53
N ARG B 168 -28.42 -8.15 0.43
CA ARG B 168 -29.50 -8.91 -0.20
C ARG B 168 -28.99 -10.26 -0.67
N ALA B 169 -27.75 -10.29 -1.16
CA ALA B 169 -27.17 -11.51 -1.70
C ALA B 169 -26.90 -12.54 -0.61
N ILE B 170 -26.44 -12.06 0.54
CA ILE B 170 -26.18 -12.96 1.66
C ILE B 170 -27.49 -13.53 2.18
N ARG B 171 -28.50 -12.67 2.32
CA ARG B 171 -29.82 -13.11 2.75
C ARG B 171 -30.34 -14.17 1.79
N GLN B 172 -30.17 -13.90 0.49
CA GLN B 172 -30.65 -14.80 -0.54
C GLN B 172 -29.93 -16.15 -0.46
N LEU B 173 -28.61 -16.12 -0.31
CA LEU B 173 -27.83 -17.36 -0.19
C LEU B 173 -28.29 -18.20 0.99
N MET B 174 -28.48 -17.56 2.13
CA MET B 174 -28.90 -18.29 3.32
C MET B 174 -30.27 -18.95 3.10
N GLU B 175 -31.19 -18.19 2.51
CA GLU B 175 -32.52 -18.72 2.22
C GLU B 175 -32.44 -19.89 1.23
N GLU B 176 -31.68 -19.72 0.16
CA GLU B 176 -31.53 -20.76 -0.86
C GLU B 176 -30.94 -22.05 -0.28
N CYS B 177 -30.06 -21.89 0.71
CA CYS B 177 -29.42 -23.04 1.33
C CYS B 177 -30.30 -23.75 2.35
N GLY B 178 -31.51 -23.23 2.56
CA GLY B 178 -32.47 -23.88 3.44
C GLY B 178 -32.66 -23.25 4.81
N VAL B 179 -32.01 -22.10 5.05
CA VAL B 179 -32.18 -21.45 6.34
C VAL B 179 -33.51 -20.71 6.36
N THR B 180 -34.50 -21.31 7.01
CA THR B 180 -35.87 -20.82 6.96
C THR B 180 -36.34 -20.16 8.25
N CYS B 181 -35.45 -20.09 9.23
CA CYS B 181 -35.73 -19.37 10.47
C CYS B 181 -35.62 -17.88 10.24
N PRO B 182 -36.11 -17.07 11.19
CA PRO B 182 -35.97 -15.63 11.01
C PRO B 182 -34.51 -15.25 10.86
N LEU B 183 -34.24 -14.24 10.03
CA LEU B 183 -32.90 -13.70 9.84
C LEU B 183 -32.87 -12.31 10.42
N PHE B 184 -31.68 -11.78 10.68
CA PHE B 184 -31.56 -10.43 11.24
C PHE B 184 -30.19 -9.84 10.96
N THR B 185 -30.06 -8.53 11.17
CA THR B 185 -28.76 -7.89 11.13
C THR B 185 -28.49 -7.29 12.49
N SER B 186 -27.24 -6.98 12.78
CA SER B 186 -26.92 -6.24 14.00
C SER B 186 -25.98 -5.09 13.65
N ASP B 187 -26.17 -3.95 14.31
CA ASP B 187 -25.36 -2.77 14.02
C ASP B 187 -25.34 -1.87 15.23
N GLY B 188 -24.43 -0.88 15.22
CA GLY B 188 -24.47 0.19 16.22
C GLY B 188 -25.82 0.89 16.14
N PRO B 189 -26.37 1.29 17.29
CA PRO B 189 -27.73 1.82 17.33
C PRO B 189 -27.80 3.32 17.11
N TRP B 190 -27.12 3.82 16.08
CA TRP B 190 -27.27 5.22 15.68
C TRP B 190 -27.61 5.30 14.20
N ARG B 191 -28.02 6.48 13.76
CA ARG B 191 -28.64 6.57 12.44
C ARG B 191 -27.75 6.09 11.31
N ALA B 192 -26.48 6.49 11.31
CA ALA B 192 -25.59 6.17 10.20
C ALA B 192 -25.42 4.67 9.99
N THR B 193 -25.19 3.95 11.08
CA THR B 193 -24.93 2.51 11.00
C THR B 193 -26.22 1.73 10.76
N LEU B 194 -27.32 2.19 11.35
CA LEU B 194 -28.59 1.52 11.16
C LEU B 194 -29.02 1.65 9.71
N LYS B 195 -28.84 2.83 9.13
CA LYS B 195 -29.22 3.03 7.73
C LYS B 195 -28.33 2.20 6.80
N ALA B 196 -27.02 2.22 7.05
CA ALA B 196 -26.08 1.54 6.17
C ALA B 196 -26.12 0.01 6.27
N GLY B 197 -26.34 -0.50 7.48
CA GLY B 197 -26.19 -1.93 7.71
C GLY B 197 -27.41 -2.81 7.56
N THR B 198 -28.57 -2.20 7.36
CA THR B 198 -29.83 -2.96 7.45
C THR B 198 -30.56 -3.12 6.12
N LEU B 199 -31.51 -4.05 6.08
CA LEU B 199 -32.50 -4.11 5.01
C LEU B 199 -33.90 -3.95 5.64
N ILE B 200 -34.04 -2.95 6.50
CA ILE B 200 -35.30 -2.76 7.20
C ILE B 200 -36.48 -2.58 6.24
N GLU B 201 -36.23 -1.90 5.12
CA GLU B 201 -37.27 -1.68 4.11
C GLU B 201 -37.63 -2.97 3.38
N GLU B 202 -36.84 -4.01 3.62
CA GLU B 202 -37.14 -5.34 3.10
C GLU B 202 -37.50 -6.27 4.24
N ASP B 203 -37.90 -5.66 5.35
CA ASP B 203 -38.47 -6.36 6.49
C ASP B 203 -37.52 -7.37 7.11
N LEU B 204 -36.23 -7.08 7.05
CA LEU B 204 -35.23 -7.91 7.71
C LEU B 204 -35.00 -7.34 9.09
N PHE B 205 -35.27 -8.17 10.11
CA PHE B 205 -35.22 -7.74 11.51
C PHE B 205 -33.88 -7.10 11.86
N VAL B 206 -33.94 -6.08 12.71
CA VAL B 206 -32.80 -5.25 13.07
C VAL B 206 -32.53 -5.35 14.56
N THR B 207 -31.27 -5.58 14.92
CA THR B 207 -30.88 -5.59 16.32
C THR B 207 -29.70 -4.64 16.49
N GLY B 208 -29.41 -4.27 17.73
CA GLY B 208 -28.37 -3.28 17.98
C GLY B 208 -27.25 -3.80 18.87
N ASN B 209 -26.06 -3.23 18.72
CA ASN B 209 -24.92 -3.61 19.52
C ASN B 209 -24.44 -2.40 20.31
N PHE B 210 -24.33 -2.56 21.63
CA PHE B 210 -23.92 -1.47 22.49
C PHE B 210 -23.56 -2.03 23.85
N GLY B 211 -22.93 -1.21 24.69
CA GLY B 211 -22.36 -1.72 25.94
C GLY B 211 -22.88 -1.04 27.19
N SER B 212 -23.84 -0.14 27.00
CA SER B 212 -24.40 0.63 28.12
C SER B 212 -25.60 1.46 27.65
N LYS B 213 -26.18 2.22 28.58
CA LYS B 213 -27.25 3.14 28.21
C LYS B 213 -28.35 2.47 27.39
N ALA B 214 -28.87 1.35 27.86
CA ALA B 214 -29.89 0.64 27.10
C ALA B 214 -31.12 1.51 26.80
N PRO B 215 -31.59 2.27 27.79
CA PRO B 215 -32.77 3.10 27.52
C PRO B 215 -32.54 4.05 26.35
N TYR B 216 -31.40 4.72 26.32
CA TYR B 216 -31.12 5.64 25.24
C TYR B 216 -30.94 4.91 23.91
N ASN B 217 -30.13 3.85 23.95
CA ASN B 217 -29.83 3.10 22.72
C ASN B 217 -31.06 2.40 22.14
N PHE B 218 -31.86 1.79 23.00
CA PHE B 218 -33.14 1.24 22.55
C PHE B 218 -34.07 2.33 22.00
N SER B 219 -34.00 3.54 22.53
CA SER B 219 -34.86 4.60 22.02
C SER B 219 -34.47 4.97 20.59
N GLN B 220 -33.17 4.94 20.31
CA GLN B 220 -32.70 5.26 18.96
C GLN B 220 -33.14 4.19 17.97
N MET B 221 -33.10 2.93 18.39
CA MET B 221 -33.58 1.83 17.57
C MET B 221 -35.08 1.96 17.36
N GLN B 222 -35.80 2.25 18.43
CA GLN B 222 -37.24 2.41 18.33
C GLN B 222 -37.64 3.51 17.35
N GLU B 223 -36.93 4.63 17.40
CA GLU B 223 -37.18 5.71 16.47
C GLU B 223 -36.97 5.21 15.04
N PHE B 224 -35.91 4.44 14.83
CA PHE B 224 -35.62 3.89 13.52
C PHE B 224 -36.75 2.94 13.07
N PHE B 225 -37.24 2.12 13.99
CA PHE B 225 -38.34 1.21 13.66
C PHE B 225 -39.57 2.03 13.33
N ASP B 226 -39.86 3.02 14.17
CA ASP B 226 -41.08 3.84 14.00
C ASP B 226 -41.05 4.57 12.67
N GLU B 227 -39.89 5.12 12.33
CA GLU B 227 -39.71 5.81 11.06
C GLU B 227 -40.08 4.93 9.87
N HIS B 228 -39.82 3.64 10.00
CA HIS B 228 -40.10 2.70 8.92
C HIS B 228 -41.38 1.91 9.15
N GLY B 229 -42.14 2.30 10.17
CA GLY B 229 -43.43 1.67 10.45
C GLY B 229 -43.33 0.24 10.93
N LYS B 230 -42.20 -0.14 11.50
CA LYS B 230 -42.01 -1.52 11.95
C LYS B 230 -42.39 -1.68 13.42
N LYS B 231 -43.15 -2.72 13.70
CA LYS B 231 -43.49 -3.08 15.05
C LYS B 231 -42.72 -4.34 15.43
N TRP B 232 -41.61 -4.14 16.13
CA TRP B 232 -40.65 -5.21 16.40
C TRP B 232 -40.20 -5.15 17.84
N PRO B 233 -39.78 -6.30 18.39
CA PRO B 233 -39.19 -6.34 19.71
C PRO B 233 -37.81 -5.70 19.69
N LEU B 234 -37.33 -5.26 20.84
CA LEU B 234 -35.99 -4.70 20.93
C LEU B 234 -35.02 -5.76 21.41
N MET B 235 -33.90 -5.91 20.71
CA MET B 235 -32.88 -6.84 21.14
C MET B 235 -31.50 -6.24 20.95
N CYS B 236 -30.65 -6.40 21.95
CA CYS B 236 -29.25 -6.05 21.86
C CYS B 236 -28.50 -7.34 21.54
N MET B 237 -28.02 -7.45 20.30
CA MET B 237 -27.36 -8.67 19.83
C MET B 237 -25.91 -8.79 20.32
N GLU B 238 -25.31 -7.68 20.71
CA GLU B 238 -24.00 -7.73 21.35
C GLU B 238 -24.02 -6.71 22.45
N PHE B 239 -24.26 -7.15 23.67
CA PHE B 239 -24.10 -6.25 24.79
C PHE B 239 -22.70 -6.42 25.34
N TRP B 240 -21.82 -5.50 24.96
CA TRP B 240 -20.41 -5.60 25.31
C TRP B 240 -20.22 -5.46 26.81
N ASP B 241 -19.94 -6.57 27.48
CA ASP B 241 -19.89 -6.58 28.94
C ASP B 241 -18.49 -6.39 29.52
N GLY B 242 -17.50 -6.31 28.64
CA GLY B 242 -16.11 -6.24 29.07
C GLY B 242 -15.28 -5.52 28.02
N TRP B 243 -14.01 -5.91 27.92
CA TRP B 243 -13.04 -5.25 27.04
C TRP B 243 -12.06 -6.30 26.53
N PHE B 244 -11.65 -6.21 25.27
CA PHE B 244 -10.55 -7.06 24.82
C PHE B 244 -9.24 -6.34 25.08
N ASN B 245 -8.12 -7.06 24.97
CA ASN B 245 -6.81 -6.47 25.24
C ASN B 245 -5.87 -6.48 24.04
N ARG B 246 -4.93 -5.54 24.05
CA ARG B 246 -3.96 -5.40 22.96
C ARG B 246 -2.57 -5.32 23.56
N TRP B 247 -1.56 -5.84 22.86
CA TRP B 247 -0.20 -5.82 23.37
C TRP B 247 0.22 -4.40 23.68
N LYS B 248 0.90 -4.23 24.81
CA LYS B 248 1.44 -2.93 25.24
C LYS B 248 0.43 -2.02 25.92
N GLU B 249 -0.85 -2.39 25.87
CA GLU B 249 -1.89 -1.54 26.45
C GLU B 249 -2.43 -2.11 27.75
N PRO B 250 -2.81 -1.23 28.69
CA PRO B 250 -3.23 -1.69 30.01
C PRO B 250 -4.56 -2.48 29.99
N ILE B 251 -4.68 -3.42 30.91
CA ILE B 251 -5.93 -4.13 31.08
C ILE B 251 -6.93 -3.22 31.78
N ILE B 252 -8.10 -3.06 31.17
CA ILE B 252 -9.18 -2.31 31.78
C ILE B 252 -10.29 -3.29 32.08
N THR B 253 -10.83 -3.21 33.29
CA THR B 253 -11.94 -4.07 33.65
C THR B 253 -13.14 -3.19 33.97
N ARG B 254 -14.30 -3.82 34.03
CA ARG B 254 -15.55 -3.11 34.26
C ARG B 254 -16.19 -3.61 35.54
N ASP B 255 -16.73 -2.69 36.33
CA ASP B 255 -17.33 -3.04 37.61
C ASP B 255 -18.46 -4.06 37.47
N PRO B 256 -18.39 -5.17 38.23
CA PRO B 256 -19.43 -6.20 38.17
C PRO B 256 -20.85 -5.68 38.44
N LYS B 257 -21.01 -4.86 39.46
CA LYS B 257 -22.34 -4.35 39.81
C LYS B 257 -22.89 -3.41 38.72
N GLU B 258 -22.05 -2.50 38.25
CA GLU B 258 -22.46 -1.59 37.19
C GLU B 258 -22.89 -2.35 35.94
N LEU B 259 -22.10 -3.37 35.59
CA LEU B 259 -22.41 -4.19 34.42
C LEU B 259 -23.74 -4.92 34.63
N ALA B 260 -23.93 -5.48 35.81
CA ALA B 260 -25.16 -6.21 36.08
C ALA B 260 -26.35 -5.26 35.99
N ASP B 261 -26.18 -4.03 36.48
CA ASP B 261 -27.23 -3.03 36.36
C ASP B 261 -27.53 -2.70 34.90
N ALA B 262 -26.48 -2.56 34.10
CA ALA B 262 -26.63 -2.25 32.68
C ALA B 262 -27.38 -3.36 31.96
N VAL B 263 -27.07 -4.60 32.32
CA VAL B 263 -27.77 -5.75 31.75
C VAL B 263 -29.23 -5.71 32.17
N ARG B 264 -29.49 -5.38 33.44
CA ARG B 264 -30.88 -5.27 33.90
C ARG B 264 -31.70 -4.31 33.04
N GLU B 265 -31.11 -3.17 32.69
CA GLU B 265 -31.81 -2.17 31.88
C GLU B 265 -32.20 -2.73 30.52
N VAL B 266 -31.29 -3.48 29.90
CA VAL B 266 -31.62 -4.13 28.64
C VAL B 266 -32.83 -5.04 28.84
N LEU B 267 -32.77 -5.90 29.85
CA LEU B 267 -33.82 -6.89 30.06
C LEU B 267 -35.16 -6.28 30.45
N GLU B 268 -35.13 -5.07 31.00
CA GLU B 268 -36.36 -4.40 31.36
C GLU B 268 -37.17 -3.99 30.13
N GLN B 269 -36.49 -3.80 29.01
CA GLN B 269 -37.16 -3.35 27.79
C GLN B 269 -37.18 -4.39 26.67
N GLY B 270 -36.27 -5.35 26.74
CA GLY B 270 -36.17 -6.30 25.65
C GLY B 270 -35.25 -7.48 25.90
N SER B 271 -34.60 -7.94 24.83
CA SER B 271 -33.80 -9.15 24.86
C SER B 271 -32.32 -8.81 24.75
N ILE B 272 -31.48 -9.77 25.10
CA ILE B 272 -30.05 -9.52 25.17
C ILE B 272 -29.23 -10.71 24.69
N ASN B 273 -28.03 -10.40 24.20
CA ASN B 273 -26.99 -11.38 24.03
C ASN B 273 -25.71 -10.80 24.62
N LEU B 274 -25.29 -11.36 25.76
CA LEU B 274 -24.08 -10.91 26.42
C LEU B 274 -22.87 -11.22 25.57
N TYR B 275 -22.10 -10.20 25.24
CA TYR B 275 -20.87 -10.40 24.49
C TYR B 275 -19.73 -9.89 25.37
N MET B 276 -18.91 -10.77 25.95
CA MET B 276 -18.99 -12.23 25.84
C MET B 276 -19.53 -12.83 27.13
N PHE B 277 -20.16 -13.99 27.04
CA PHE B 277 -20.47 -14.71 28.27
C PHE B 277 -19.22 -15.42 28.78
N HIS B 278 -18.58 -16.19 27.89
CA HIS B 278 -17.29 -16.77 28.16
C HIS B 278 -16.45 -16.54 26.90
N GLY B 279 -15.31 -15.86 27.07
CA GLY B 279 -14.50 -15.43 25.94
C GLY B 279 -13.49 -16.45 25.46
N GLY B 280 -12.81 -17.09 26.40
CA GLY B 280 -11.86 -18.13 26.03
C GLY B 280 -10.55 -17.59 25.48
N THR B 281 -10.05 -18.24 24.44
CA THR B 281 -8.68 -18.03 23.99
C THR B 281 -8.59 -17.98 22.48
N ASN B 282 -7.74 -17.10 21.97
CA ASN B 282 -7.36 -17.14 20.56
C ASN B 282 -6.15 -18.03 20.42
N PHE B 283 -6.38 -19.34 20.32
CA PHE B 283 -5.26 -20.28 20.22
C PHE B 283 -4.48 -20.04 18.92
N GLY B 284 -3.21 -20.41 18.92
CA GLY B 284 -2.40 -20.30 17.72
C GLY B 284 -2.24 -18.87 17.26
N PHE B 285 -2.50 -18.64 15.97
CA PHE B 285 -2.22 -17.35 15.36
C PHE B 285 -3.49 -16.61 14.98
N MET B 286 -4.59 -16.92 15.66
CA MET B 286 -5.91 -16.46 15.20
C MET B 286 -6.41 -15.14 15.82
N ASN B 287 -5.56 -14.46 16.58
CA ASN B 287 -5.91 -13.16 17.13
C ASN B 287 -6.22 -12.16 16.02
N GLY B 288 -7.01 -11.13 16.35
CA GLY B 288 -7.23 -10.05 15.41
C GLY B 288 -6.32 -8.86 15.66
N CYS B 289 -6.69 -7.73 15.09
CA CYS B 289 -5.82 -6.56 15.13
C CYS B 289 -6.63 -5.29 14.92
N SER B 290 -6.38 -4.28 15.76
CA SER B 290 -7.07 -3.00 15.65
C SER B 290 -6.26 -2.08 14.77
N ALA B 291 -6.84 -0.96 14.37
CA ALA B 291 -6.10 0.02 13.58
C ALA B 291 -6.38 1.43 14.08
N ARG B 292 -5.36 2.28 14.02
CA ARG B 292 -5.55 3.70 14.30
C ARG B 292 -4.83 4.43 13.20
N GLY B 293 -5.59 5.08 12.32
CA GLY B 293 -5.01 5.66 11.12
C GLY B 293 -4.35 4.55 10.32
N THR B 294 -3.05 4.68 10.07
CA THR B 294 -2.33 3.70 9.29
C THR B 294 -1.68 2.64 10.18
N LEU B 295 -1.81 2.81 11.48
CA LEU B 295 -1.11 1.96 12.44
C LEU B 295 -1.94 0.76 12.89
N ASP B 296 -1.33 -0.42 12.88
CA ASP B 296 -1.96 -1.65 13.40
C ASP B 296 -1.64 -1.84 14.88
N LEU B 297 -2.64 -2.31 15.62
CA LEU B 297 -2.51 -2.55 17.06
C LEU B 297 -2.96 -3.97 17.35
N PRO B 298 -2.04 -4.94 17.32
CA PRO B 298 -2.45 -6.34 17.46
C PRO B 298 -3.05 -6.68 18.82
N GLN B 299 -4.07 -7.54 18.79
CA GLN B 299 -4.79 -7.94 19.99
C GLN B 299 -4.13 -9.20 20.56
N VAL B 300 -4.32 -9.43 21.85
CA VAL B 300 -3.59 -10.50 22.54
C VAL B 300 -4.19 -11.89 22.37
N THR B 301 -3.45 -12.89 22.84
CA THR B 301 -3.87 -14.30 22.73
C THR B 301 -5.11 -14.59 23.56
N SER B 302 -5.09 -14.15 24.81
CA SER B 302 -6.23 -14.35 25.71
C SER B 302 -7.43 -13.56 25.25
N TYR B 303 -8.58 -14.21 25.20
CA TYR B 303 -9.83 -13.51 24.95
C TYR B 303 -10.69 -13.56 26.21
N ASP B 304 -10.03 -13.46 27.37
CA ASP B 304 -10.73 -13.39 28.64
C ASP B 304 -11.85 -12.36 28.55
N TYR B 305 -11.53 -11.19 28.01
CA TYR B 305 -12.54 -10.15 27.71
C TYR B 305 -13.15 -9.53 28.96
N ASP B 306 -12.69 -9.94 30.14
CA ASP B 306 -13.38 -9.52 31.38
C ASP B 306 -14.81 -10.03 31.31
N ALA B 307 -15.00 -11.21 30.70
CA ALA B 307 -16.32 -11.81 30.52
C ALA B 307 -16.90 -12.34 31.84
N LEU B 308 -18.14 -12.83 31.79
CA LEU B 308 -18.77 -13.40 32.98
C LEU B 308 -18.00 -14.62 33.49
N LEU B 309 -17.57 -15.48 32.56
CA LEU B 309 -16.62 -16.53 32.90
C LEU B 309 -15.26 -16.08 32.45
N ASP B 310 -14.23 -16.33 33.25
CA ASP B 310 -12.87 -15.95 32.85
C ASP B 310 -12.36 -16.87 31.75
N GLU B 311 -11.15 -16.61 31.28
CA GLU B 311 -10.64 -17.37 30.15
C GLU B 311 -10.80 -18.87 30.40
N GLU B 312 -10.52 -19.29 31.62
CA GLU B 312 -10.56 -20.70 32.01
C GLU B 312 -11.98 -21.27 32.02
N GLY B 313 -12.97 -20.41 32.20
CA GLY B 313 -14.35 -20.85 32.27
C GLY B 313 -14.97 -20.77 33.65
N ASN B 314 -14.24 -20.19 34.60
CA ASN B 314 -14.77 -20.05 35.95
C ASN B 314 -15.58 -18.77 36.16
N PRO B 315 -16.68 -18.87 36.92
CA PRO B 315 -17.47 -17.70 37.26
C PRO B 315 -16.61 -16.62 37.91
N THR B 316 -16.89 -15.36 37.56
CA THR B 316 -16.18 -14.24 38.15
C THR B 316 -17.14 -13.46 39.03
N ALA B 317 -16.65 -12.41 39.66
CA ALA B 317 -17.53 -11.53 40.42
C ALA B 317 -18.64 -10.98 39.50
N LYS B 318 -18.31 -10.77 38.23
CA LYS B 318 -19.29 -10.27 37.27
C LYS B 318 -20.41 -11.30 37.06
N TYR B 319 -20.04 -12.57 36.90
CA TYR B 319 -21.05 -13.63 36.80
C TYR B 319 -21.97 -13.58 38.00
N LEU B 320 -21.37 -13.48 39.19
CA LEU B 320 -22.15 -13.51 40.42
C LEU B 320 -23.07 -12.30 40.54
N ALA B 321 -22.62 -11.13 40.09
CA ALA B 321 -23.45 -9.93 40.15
C ALA B 321 -24.66 -10.07 39.23
N VAL B 322 -24.44 -10.62 38.05
CA VAL B 322 -25.54 -10.83 37.11
C VAL B 322 -26.49 -11.90 37.68
N LYS B 323 -25.94 -12.91 38.31
CA LYS B 323 -26.74 -13.96 38.93
C LYS B 323 -27.66 -13.38 40.00
N LYS B 324 -27.14 -12.48 40.81
CA LYS B 324 -27.94 -11.83 41.86
C LYS B 324 -29.01 -10.93 41.27
N MET B 325 -28.68 -10.21 40.20
CA MET B 325 -29.64 -9.38 39.50
C MET B 325 -30.78 -10.24 38.95
N MET B 326 -30.44 -11.35 38.30
CA MET B 326 -31.44 -12.28 37.78
C MET B 326 -32.34 -12.84 38.88
N ALA B 327 -31.74 -13.20 40.01
CA ALA B 327 -32.48 -13.80 41.12
C ALA B 327 -33.52 -12.83 41.66
N THR B 328 -33.21 -11.54 41.59
CA THR B 328 -34.09 -10.50 42.11
C THR B 328 -35.14 -10.06 41.10
N HIS B 329 -34.69 -9.72 39.90
CA HIS B 329 -35.56 -9.05 38.94
C HIS B 329 -36.18 -9.99 37.94
N PHE B 330 -35.59 -11.16 37.78
CA PHE B 330 -36.09 -12.14 36.82
C PHE B 330 -36.14 -13.52 37.44
N SER B 331 -36.78 -13.59 38.60
CA SER B 331 -36.83 -14.81 39.40
C SER B 331 -37.59 -15.94 38.71
N GLU B 332 -38.37 -15.63 37.69
CA GLU B 332 -39.11 -16.65 36.95
C GLU B 332 -38.20 -17.55 36.12
N TYR B 333 -36.94 -17.15 35.99
CA TYR B 333 -35.94 -17.96 35.29
C TYR B 333 -35.14 -18.75 36.32
N PRO B 334 -35.33 -20.07 36.38
CA PRO B 334 -34.67 -20.83 37.42
C PRO B 334 -33.16 -20.88 37.21
N GLN B 335 -32.43 -20.95 38.31
CA GLN B 335 -30.98 -20.99 38.27
C GLN B 335 -30.43 -22.27 38.86
N LEU B 336 -29.15 -22.50 38.65
CA LEU B 336 -28.44 -23.62 39.23
C LEU B 336 -27.15 -23.11 39.86
N GLU B 337 -26.54 -23.93 40.71
CA GLU B 337 -25.23 -23.59 41.22
C GLU B 337 -24.23 -23.71 40.08
N PRO B 338 -23.33 -22.72 39.94
CA PRO B 338 -22.39 -22.77 38.83
C PRO B 338 -21.26 -23.74 39.09
N LEU B 339 -20.59 -24.13 38.01
CA LEU B 339 -19.48 -25.07 38.07
C LEU B 339 -18.15 -24.35 38.03
N TYR B 340 -17.23 -24.79 38.88
CA TYR B 340 -15.87 -24.28 38.88
C TYR B 340 -14.89 -25.39 38.50
N LYS B 341 -13.83 -25.02 37.78
CA LYS B 341 -12.73 -25.94 37.53
C LYS B 341 -11.58 -25.58 38.46
N GLU B 342 -10.79 -26.57 38.83
CA GLU B 342 -9.61 -26.30 39.64
C GLU B 342 -8.40 -26.17 38.74
N SER B 343 -7.43 -25.36 39.15
CA SER B 343 -6.19 -25.22 38.39
C SER B 343 -5.04 -25.78 39.19
N MET B 344 -3.91 -25.98 38.53
CA MET B 344 -2.74 -26.54 39.21
C MET B 344 -1.52 -25.69 38.93
N GLU B 345 -0.45 -25.96 39.69
CA GLU B 345 0.81 -25.30 39.47
C GLU B 345 1.92 -26.35 39.53
N LEU B 346 3.03 -26.05 38.86
CA LEU B 346 4.15 -26.97 38.80
C LEU B 346 5.42 -26.17 38.66
N ASP B 347 6.35 -26.39 39.58
CA ASP B 347 7.57 -25.60 39.63
C ASP B 347 8.75 -26.30 38.98
N ALA B 348 9.69 -25.51 38.49
CA ALA B 348 11.02 -26.01 38.11
C ALA B 348 11.00 -27.15 37.10
N ILE B 349 10.26 -26.99 36.01
CA ILE B 349 10.27 -27.98 34.95
C ILE B 349 11.53 -27.77 34.12
N PRO B 350 12.41 -28.78 34.07
CA PRO B 350 13.70 -28.57 33.41
C PRO B 350 13.67 -28.62 31.88
N LEU B 351 14.52 -27.81 31.27
CA LEU B 351 14.76 -27.90 29.83
C LEU B 351 15.38 -29.25 29.50
N VAL B 352 14.87 -29.91 28.47
CA VAL B 352 15.36 -31.22 28.09
C VAL B 352 16.13 -31.19 26.76
N GLU B 353 15.64 -30.40 25.82
CA GLU B 353 16.22 -30.31 24.48
C GLU B 353 16.05 -28.92 23.93
N LYS B 354 16.90 -28.55 22.99
CA LYS B 354 16.76 -27.28 22.30
C LYS B 354 17.39 -27.36 20.92
N VAL B 355 16.89 -26.55 20.00
CA VAL B 355 17.43 -26.55 18.65
C VAL B 355 17.16 -25.19 18.01
N SER B 356 18.11 -24.69 17.24
CA SER B 356 17.93 -23.44 16.52
C SER B 356 16.98 -23.65 15.35
N LEU B 357 16.13 -22.68 15.09
CA LEU B 357 15.23 -22.75 13.93
C LEU B 357 16.02 -23.08 12.67
N PHE B 358 17.18 -22.44 12.52
CA PHE B 358 17.99 -22.62 11.31
C PHE B 358 18.45 -24.06 11.12
N GLU B 359 18.56 -24.80 12.20
CA GLU B 359 19.08 -26.17 12.14
C GLU B 359 18.00 -27.23 11.90
N THR B 360 16.74 -26.83 12.08
CA THR B 360 15.62 -27.75 11.89
C THR B 360 14.67 -27.28 10.79
N LEU B 361 15.14 -26.36 9.95
CA LEU B 361 14.33 -25.81 8.86
C LEU B 361 13.76 -26.84 7.89
N ASP B 362 14.61 -27.73 7.39
CA ASP B 362 14.21 -28.66 6.34
C ASP B 362 13.15 -29.66 6.82
N SER B 363 13.17 -29.95 8.11
CA SER B 363 12.18 -30.81 8.72
C SER B 363 10.85 -30.09 8.85
N LEU B 364 10.91 -28.80 9.18
CA LEU B 364 9.71 -28.01 9.45
C LEU B 364 9.03 -27.45 8.21
N SER B 365 9.81 -27.16 7.17
CA SER B 365 9.29 -26.37 6.06
C SER B 365 9.87 -26.81 4.72
N SER B 366 9.03 -26.79 3.69
CA SER B 366 9.50 -27.05 2.33
C SER B 366 9.71 -25.71 1.64
N PRO B 367 10.94 -25.42 1.26
CA PRO B 367 11.31 -24.14 0.67
C PRO B 367 10.71 -23.92 -0.71
N VAL B 368 10.29 -22.69 -0.98
CA VAL B 368 9.81 -22.32 -2.29
C VAL B 368 10.82 -21.33 -2.85
N GLU B 369 11.36 -21.66 -4.02
CA GLU B 369 12.37 -20.82 -4.64
C GLU B 369 11.78 -20.01 -5.79
N SER B 370 12.17 -18.74 -5.88
CA SER B 370 11.75 -17.91 -6.99
C SER B 370 12.74 -16.76 -7.14
N LEU B 371 12.74 -16.14 -8.31
CA LEU B 371 13.67 -15.05 -8.59
C LEU B 371 13.36 -13.85 -7.71
N TYR B 372 12.08 -13.45 -7.71
CA TYR B 372 11.62 -12.32 -6.90
C TYR B 372 10.94 -12.83 -5.63
N PRO B 373 11.02 -12.04 -4.55
CA PRO B 373 10.41 -12.45 -3.29
C PRO B 373 8.89 -12.49 -3.39
N GLN B 374 8.28 -13.41 -2.65
CA GLN B 374 6.84 -13.56 -2.65
C GLN B 374 6.26 -13.23 -1.29
N LYS B 375 5.01 -12.77 -1.30
CA LYS B 375 4.27 -12.50 -0.08
C LYS B 375 3.74 -13.78 0.55
N MET B 376 3.28 -13.68 1.79
CA MET B 376 2.89 -14.86 2.54
C MET B 376 1.74 -15.61 1.86
N GLU B 377 0.67 -14.90 1.54
CA GLU B 377 -0.52 -15.56 1.00
C GLU B 377 -0.24 -16.11 -0.40
N GLU B 378 0.60 -15.38 -1.13
CA GLU B 378 1.08 -15.77 -2.46
C GLU B 378 1.75 -17.14 -2.42
N LEU B 379 2.41 -17.43 -1.29
CA LEU B 379 3.08 -18.71 -1.09
C LEU B 379 2.12 -19.80 -0.62
N GLY B 380 0.87 -19.42 -0.38
CA GLY B 380 -0.13 -20.38 0.07
C GLY B 380 -0.22 -20.47 1.58
N GLN B 381 0.42 -19.54 2.27
CA GLN B 381 0.42 -19.54 3.73
C GLN B 381 -0.53 -18.49 4.29
N SER B 382 -1.26 -18.84 5.35
CA SER B 382 -2.17 -17.88 5.95
C SER B 382 -1.62 -17.28 7.24
N TYR B 383 -1.08 -18.13 8.10
CA TYR B 383 -0.69 -17.69 9.43
C TYR B 383 0.72 -18.14 9.79
N GLY B 384 1.32 -17.41 10.71
CA GLY B 384 2.59 -17.82 11.31
C GLY B 384 3.77 -16.97 10.90
N TYR B 385 4.92 -17.63 10.75
CA TYR B 385 6.17 -16.98 10.38
C TYR B 385 6.58 -17.39 8.98
N LEU B 386 7.47 -16.60 8.39
CA LEU B 386 7.96 -16.87 7.05
C LEU B 386 9.42 -16.46 6.99
N LEU B 387 10.27 -17.40 6.62
CA LEU B 387 11.68 -17.11 6.50
C LEU B 387 12.08 -16.89 5.05
N TYR B 388 12.63 -15.70 4.77
CA TYR B 388 13.18 -15.35 3.47
C TYR B 388 14.67 -15.55 3.52
N ARG B 389 15.21 -16.29 2.56
CA ARG B 389 16.64 -16.55 2.53
C ARG B 389 17.23 -16.25 1.15
N THR B 390 18.35 -15.54 1.13
CA THR B 390 19.07 -15.34 -0.12
C THR B 390 20.55 -15.32 0.20
N GLU B 391 21.38 -15.45 -0.83
CA GLU B 391 22.82 -15.41 -0.63
C GLU B 391 23.34 -14.26 -1.46
N THR B 392 24.28 -13.50 -0.90
CA THR B 392 24.77 -12.31 -1.58
C THR B 392 26.24 -12.04 -1.26
N ASN B 393 26.95 -11.50 -2.25
CA ASN B 393 28.32 -11.04 -2.06
C ASN B 393 28.30 -9.63 -1.50
N TRP B 394 29.17 -9.33 -0.55
CA TRP B 394 29.31 -7.96 -0.09
C TRP B 394 30.25 -7.20 -1.03
N ASP B 395 29.78 -6.06 -1.53
CA ASP B 395 30.51 -5.27 -2.52
C ASP B 395 31.21 -4.06 -1.91
N ALA B 396 31.20 -3.96 -0.59
CA ALA B 396 31.87 -2.89 0.13
C ALA B 396 32.04 -3.28 1.59
N GLU B 397 33.00 -2.66 2.28
CA GLU B 397 33.26 -3.00 3.67
C GLU B 397 31.95 -2.98 4.45
N GLU B 398 31.21 -1.88 4.34
CA GLU B 398 29.90 -1.78 4.97
C GLU B 398 28.85 -1.55 3.90
N GLU B 399 27.75 -2.28 3.96
CA GLU B 399 26.67 -2.07 3.01
C GLU B 399 25.35 -1.83 3.72
N ARG B 400 24.44 -1.18 3.02
CA ARG B 400 23.14 -0.83 3.57
C ARG B 400 22.07 -1.79 3.07
N LEU B 401 21.21 -2.23 3.98
CA LEU B 401 20.10 -3.10 3.63
C LEU B 401 18.79 -2.41 4.02
N ARG B 402 17.77 -2.57 3.19
CA ARG B 402 16.45 -2.03 3.50
C ARG B 402 15.38 -3.04 3.11
N ILE B 403 14.44 -3.28 4.01
CA ILE B 403 13.28 -4.11 3.69
C ILE B 403 12.16 -3.20 3.22
N ILE B 404 11.74 -3.38 1.97
CA ILE B 404 10.78 -2.46 1.37
C ILE B 404 9.37 -3.05 1.38
N ASP B 405 8.48 -2.42 2.16
CA ASP B 405 7.08 -2.83 2.24
C ASP B 405 6.92 -4.23 2.82
N GLY B 406 7.37 -4.39 4.06
CA GLY B 406 7.22 -5.66 4.77
C GLY B 406 6.40 -5.50 6.03
N ARG B 407 5.72 -6.57 6.42
CA ARG B 407 4.85 -6.60 7.60
C ARG B 407 4.79 -8.04 8.09
N ASP B 408 4.64 -8.27 9.40
CA ASP B 408 4.45 -7.22 10.40
C ASP B 408 5.71 -6.93 11.20
N ARG B 409 6.57 -7.94 11.33
CA ARG B 409 7.79 -7.79 12.13
C ARG B 409 8.89 -8.59 11.46
N ALA B 410 10.09 -8.01 11.39
CA ALA B 410 11.19 -8.62 10.66
C ALA B 410 12.42 -8.73 11.53
N GLN B 411 13.09 -9.89 11.47
CA GLN B 411 14.38 -10.08 12.12
C GLN B 411 15.39 -10.50 11.08
N LEU B 412 16.48 -9.75 10.98
CA LEU B 412 17.47 -9.98 9.95
C LEU B 412 18.74 -10.61 10.53
N TYR B 413 19.23 -11.64 9.86
CA TYR B 413 20.47 -12.31 10.25
C TYR B 413 21.38 -12.41 9.05
N VAL B 414 22.67 -12.28 9.27
CA VAL B 414 23.64 -12.49 8.20
C VAL B 414 24.59 -13.60 8.67
N ASP B 415 24.65 -14.69 7.92
CA ASP B 415 25.47 -15.82 8.32
C ASP B 415 25.14 -16.26 9.75
N GLY B 416 23.85 -16.27 10.07
CA GLY B 416 23.39 -16.73 11.37
C GLY B 416 23.49 -15.72 12.50
N GLN B 417 24.09 -14.57 12.23
CA GLN B 417 24.30 -13.55 13.25
C GLN B 417 23.19 -12.51 13.19
N TRP B 418 22.51 -12.28 14.30
CA TRP B 418 21.45 -11.28 14.33
C TRP B 418 21.99 -9.87 14.09
N VAL B 419 21.32 -9.13 13.21
CA VAL B 419 21.73 -7.77 12.90
C VAL B 419 20.70 -6.74 13.35
N LYS B 420 19.43 -7.05 13.14
CA LYS B 420 18.41 -6.04 13.38
C LYS B 420 17.01 -6.64 13.47
N THR B 421 16.19 -6.05 14.34
CA THR B 421 14.78 -6.39 14.40
C THR B 421 13.99 -5.11 14.15
N GLN B 422 12.99 -5.20 13.28
CA GLN B 422 12.16 -4.06 12.94
C GLN B 422 10.68 -4.44 12.99
N TYR B 423 9.89 -3.64 13.70
CA TYR B 423 8.47 -3.89 13.81
C TYR B 423 7.67 -2.79 13.10
N GLN B 424 6.75 -3.23 12.25
CA GLN B 424 5.82 -2.34 11.55
C GLN B 424 6.51 -1.13 10.91
N THR B 425 6.28 0.08 11.44
CA THR B 425 6.81 1.28 10.78
C THR B 425 8.35 1.36 10.80
N GLU B 426 8.99 0.53 11.62
CA GLU B 426 10.45 0.45 11.65
C GLU B 426 10.99 -0.25 10.41
N ILE B 427 10.15 -1.08 9.81
CA ILE B 427 10.52 -1.81 8.61
C ILE B 427 10.71 -0.85 7.45
N GLY B 428 11.90 -0.88 6.85
CA GLY B 428 12.25 0.08 5.81
C GLY B 428 13.38 0.99 6.25
N GLU B 429 13.63 1.05 7.55
CA GLU B 429 14.75 1.85 8.06
C GLU B 429 16.10 1.24 7.67
N ASP B 430 17.09 2.09 7.47
CA ASP B 430 18.43 1.63 7.08
C ASP B 430 19.00 0.60 8.04
N ILE B 431 19.56 -0.46 7.46
CA ILE B 431 20.32 -1.44 8.23
C ILE B 431 21.71 -1.51 7.63
N PHE B 432 22.73 -1.49 8.49
CA PHE B 432 24.11 -1.54 8.02
C PHE B 432 24.81 -2.81 8.50
N TYR B 433 25.66 -3.36 7.66
CA TYR B 433 26.37 -4.57 8.03
C TYR B 433 27.65 -4.75 7.23
N GLN B 434 28.50 -5.65 7.73
CA GLN B 434 29.74 -6.01 7.05
C GLN B 434 29.78 -7.53 6.77
N GLY B 435 29.53 -7.89 5.51
CA GLY B 435 29.44 -9.29 5.12
C GLY B 435 30.77 -9.93 4.75
N LYS B 436 30.71 -11.16 4.23
CA LYS B 436 31.91 -11.94 3.91
C LYS B 436 32.85 -11.24 2.95
N LYS B 437 34.14 -11.33 3.23
CA LYS B 437 35.18 -10.76 2.38
C LYS B 437 35.08 -11.37 0.97
N LYS B 438 34.74 -12.66 0.92
CA LYS B 438 34.63 -13.34 -0.35
C LYS B 438 33.50 -14.36 -0.31
N GLY B 439 33.03 -14.76 -1.48
CA GLY B 439 31.94 -15.70 -1.59
C GLY B 439 30.63 -15.07 -1.17
N LEU B 440 29.66 -15.91 -0.85
CA LEU B 440 28.32 -15.43 -0.55
C LEU B 440 28.03 -15.46 0.94
N SER B 441 27.40 -14.40 1.43
CA SER B 441 26.85 -14.39 2.79
C SER B 441 25.39 -14.83 2.72
N ARG B 442 24.95 -15.54 3.75
CA ARG B 442 23.56 -15.98 3.83
C ARG B 442 22.76 -14.91 4.56
N LEU B 443 21.76 -14.34 3.87
CA LEU B 443 20.92 -13.34 4.48
C LEU B 443 19.57 -13.98 4.76
N ASP B 444 19.18 -13.98 6.04
CA ASP B 444 17.93 -14.58 6.48
C ASP B 444 17.06 -13.49 7.07
N ILE B 445 15.80 -13.43 6.64
CA ILE B 445 14.86 -12.49 7.23
C ILE B 445 13.63 -13.26 7.70
N LEU B 446 13.44 -13.29 9.02
CA LEU B 446 12.29 -13.95 9.60
C LEU B 446 11.17 -12.94 9.78
N ILE B 447 10.05 -13.19 9.10
CA ILE B 447 8.91 -12.29 9.13
C ILE B 447 7.80 -12.98 9.91
N GLU B 448 7.09 -12.20 10.71
CA GLU B 448 5.92 -12.72 11.41
C GLU B 448 4.66 -12.00 10.96
N ASN B 449 3.58 -12.75 10.74
CA ASN B 449 2.24 -12.18 10.59
C ASN B 449 1.65 -12.08 11.98
N MET B 450 1.46 -10.86 12.47
CA MET B 450 1.01 -10.68 13.85
C MET B 450 -0.50 -10.51 13.96
N GLY B 451 -1.21 -10.75 12.87
CA GLY B 451 -2.68 -10.73 12.87
C GLY B 451 -3.23 -9.67 11.94
N ARG B 452 -4.08 -10.10 11.00
CA ARG B 452 -4.71 -9.16 10.07
C ARG B 452 -5.85 -8.38 10.72
N VAL B 453 -5.89 -7.09 10.42
CA VAL B 453 -6.93 -6.19 10.93
C VAL B 453 -8.32 -6.77 10.66
N ASN B 454 -9.21 -6.69 11.66
CA ASN B 454 -10.47 -7.42 11.58
C ASN B 454 -11.72 -6.56 11.38
N TYR B 455 -11.53 -5.32 10.95
CA TYR B 455 -12.66 -4.43 10.71
C TYR B 455 -12.16 -3.13 10.13
N GLY B 456 -13.10 -2.30 9.68
CA GLY B 456 -12.82 -0.89 9.47
C GLY B 456 -12.03 -0.56 8.23
N HIS B 457 -11.46 0.64 8.22
CA HIS B 457 -10.87 1.19 7.02
C HIS B 457 -9.61 0.45 6.55
N LYS B 458 -8.93 -0.25 7.46
CA LYS B 458 -7.73 -1.03 7.09
C LYS B 458 -8.06 -2.47 6.76
N PHE B 459 -9.35 -2.81 6.76
CA PHE B 459 -9.75 -4.19 6.50
C PHE B 459 -9.13 -4.73 5.21
N LEU B 460 -9.10 -3.90 4.16
CA LEU B 460 -8.46 -4.29 2.91
C LEU B 460 -7.22 -3.47 2.59
N ALA B 461 -6.53 -3.00 3.63
CA ALA B 461 -5.29 -2.26 3.44
C ALA B 461 -4.23 -3.10 2.75
N ASP B 462 -3.32 -2.43 2.05
CA ASP B 462 -2.18 -3.11 1.40
C ASP B 462 -1.37 -3.96 2.42
N THR B 463 -1.35 -3.50 3.66
CA THR B 463 -0.55 -4.16 4.70
C THR B 463 -1.18 -5.45 5.21
N GLN B 464 -2.40 -5.74 4.75
CA GLN B 464 -3.07 -6.98 5.13
C GLN B 464 -2.40 -8.21 4.51
N ARG B 465 -1.73 -8.02 3.38
CA ARG B 465 -0.93 -9.09 2.80
C ARG B 465 0.45 -9.04 3.46
N LYS B 466 0.82 -10.13 4.11
CA LYS B 466 1.98 -10.14 4.99
C LYS B 466 3.23 -10.61 4.27
N GLY B 467 4.37 -10.40 4.89
CA GLY B 467 5.64 -10.73 4.25
C GLY B 467 6.18 -9.48 3.55
N ILE B 468 7.07 -9.70 2.58
CA ILE B 468 7.75 -8.62 1.90
C ILE B 468 7.08 -8.39 0.54
N ARG B 469 6.45 -7.22 0.38
CA ARG B 469 5.59 -6.96 -0.77
C ARG B 469 6.32 -6.33 -1.94
N THR B 470 7.44 -5.67 -1.67
CA THR B 470 8.17 -5.02 -2.74
C THR B 470 9.54 -5.65 -2.93
N GLY B 471 10.34 -5.69 -1.88
CA GLY B 471 11.64 -6.36 -1.97
C GLY B 471 12.59 -6.02 -0.85
N VAL B 472 13.82 -6.51 -0.99
CA VAL B 472 14.88 -6.14 -0.05
C VAL B 472 16.01 -5.52 -0.84
N CYS B 473 16.36 -4.30 -0.48
CA CYS B 473 17.39 -3.56 -1.18
C CYS B 473 18.73 -3.73 -0.48
N LYS B 474 19.78 -3.95 -1.27
CA LYS B 474 21.15 -3.89 -0.80
C LYS B 474 21.85 -2.81 -1.63
N ASP B 475 22.46 -1.85 -0.95
CA ASP B 475 22.85 -0.61 -1.60
C ASP B 475 21.62 -0.02 -2.28
N LEU B 476 21.62 0.05 -3.61
CA LEU B 476 20.50 0.64 -4.33
C LEU B 476 19.71 -0.35 -5.17
N HIS B 477 20.01 -1.63 -5.08
CA HIS B 477 19.32 -2.61 -5.93
C HIS B 477 18.58 -3.66 -5.13
N PHE B 478 17.43 -4.09 -5.66
CA PHE B 478 16.67 -5.16 -5.04
C PHE B 478 17.39 -6.49 -5.24
N LEU B 479 17.41 -7.31 -4.20
CA LEU B 479 18.08 -8.61 -4.25
C LEU B 479 17.17 -9.68 -4.85
N LEU B 480 17.76 -10.60 -5.62
CA LEU B 480 17.03 -11.69 -6.24
C LEU B 480 17.50 -13.07 -5.78
N ASN B 481 16.74 -14.09 -6.17
CA ASN B 481 17.05 -15.48 -5.84
C ASN B 481 16.75 -15.78 -4.39
N TRP B 482 15.48 -16.03 -4.13
CA TRP B 482 14.98 -16.21 -2.79
C TRP B 482 14.54 -17.64 -2.54
N LYS B 483 14.85 -18.15 -1.36
CA LYS B 483 14.25 -19.39 -0.89
C LYS B 483 13.33 -19.00 0.25
N HIS B 484 12.05 -19.34 0.13
CA HIS B 484 11.05 -19.02 1.14
C HIS B 484 10.73 -20.28 1.94
N TYR B 485 10.76 -20.16 3.26
CA TYR B 485 10.38 -21.26 4.15
C TYR B 485 9.16 -20.84 4.93
N PRO B 486 7.97 -21.26 4.46
CA PRO B 486 6.76 -20.97 5.23
C PRO B 486 6.80 -21.71 6.56
N LEU B 487 6.49 -20.99 7.63
CA LEU B 487 6.55 -21.59 8.95
C LEU B 487 5.23 -21.37 9.71
N PRO B 488 4.17 -22.07 9.27
CA PRO B 488 2.89 -21.98 9.96
C PRO B 488 2.97 -22.57 11.36
N LEU B 489 4.01 -23.35 11.61
CA LEU B 489 4.22 -23.98 12.92
C LEU B 489 2.98 -24.72 13.38
N ASP B 490 2.36 -25.46 12.47
CA ASP B 490 1.24 -26.32 12.83
C ASP B 490 1.75 -27.76 12.91
N ASN B 491 3.08 -27.90 12.86
CA ASN B 491 3.71 -29.22 12.80
C ASN B 491 4.89 -29.36 13.78
N PRO B 492 4.62 -29.14 15.08
CA PRO B 492 5.67 -29.19 16.11
C PRO B 492 6.37 -30.56 16.20
N GLU B 493 5.67 -31.61 15.77
CA GLU B 493 6.26 -32.94 15.75
C GLU B 493 7.46 -33.01 14.80
N LYS B 494 7.55 -32.04 13.88
CA LYS B 494 8.62 -31.99 12.89
C LYS B 494 9.84 -31.19 13.37
N ILE B 495 9.78 -30.66 14.58
CA ILE B 495 10.95 -30.00 15.16
C ILE B 495 11.96 -31.07 15.49
N ASP B 496 13.15 -30.98 14.90
CA ASP B 496 14.19 -31.98 15.11
C ASP B 496 15.16 -31.55 16.19
N PHE B 497 14.92 -31.99 17.42
CA PHE B 497 15.73 -31.57 18.57
C PHE B 497 17.13 -32.20 18.61
N SER B 498 17.43 -33.01 17.60
CA SER B 498 18.73 -33.68 17.51
C SER B 498 19.75 -32.77 16.85
N LYS B 499 19.29 -31.69 16.25
CA LYS B 499 20.18 -30.78 15.54
C LYS B 499 20.75 -29.73 16.49
N GLY B 500 21.57 -28.83 15.95
CA GLY B 500 22.34 -27.92 16.79
C GLY B 500 21.57 -26.73 17.34
N TRP B 501 22.17 -26.08 18.31
CA TRP B 501 21.61 -24.86 18.89
C TRP B 501 22.72 -23.82 19.02
N THR B 502 22.38 -22.56 18.76
CA THR B 502 23.29 -21.45 18.94
C THR B 502 22.54 -20.31 19.64
N GLN B 503 23.21 -19.68 20.58
CA GLN B 503 22.63 -18.56 21.30
C GLN B 503 22.34 -17.40 20.36
N GLY B 504 21.27 -16.66 20.62
CA GLY B 504 20.98 -15.44 19.87
C GLY B 504 20.29 -15.66 18.53
N GLN B 505 19.61 -16.80 18.41
CA GLN B 505 18.84 -17.12 17.21
C GLN B 505 17.45 -17.61 17.63
N PRO B 506 16.47 -17.51 16.73
CA PRO B 506 15.17 -18.12 17.01
C PRO B 506 15.39 -19.60 17.27
N ALA B 507 14.72 -20.15 18.27
CA ALA B 507 15.00 -21.51 18.69
C ALA B 507 13.79 -22.15 19.36
N PHE B 508 13.81 -23.48 19.41
CA PHE B 508 12.76 -24.23 20.08
C PHE B 508 13.33 -24.86 21.32
N TYR B 509 12.54 -24.84 22.39
CA TYR B 509 12.97 -25.35 23.69
C TYR B 509 11.93 -26.31 24.24
N ALA B 510 12.36 -27.53 24.56
CA ALA B 510 11.44 -28.57 25.04
C ALA B 510 11.58 -28.83 26.54
N TYR B 511 10.44 -28.88 27.22
CA TYR B 511 10.37 -29.07 28.65
C TYR B 511 9.39 -30.20 28.93
N ASP B 512 9.86 -31.24 29.62
CA ASP B 512 9.05 -32.42 29.87
C ASP B 512 8.66 -32.50 31.33
N PHE B 513 7.43 -32.92 31.60
CA PHE B 513 6.97 -33.06 32.96
C PHE B 513 5.90 -34.13 33.07
N THR B 514 5.66 -34.61 34.28
CA THR B 514 4.67 -35.64 34.51
C THR B 514 3.48 -35.07 35.24
N VAL B 515 2.29 -35.50 34.81
CA VAL B 515 1.03 -35.05 35.38
C VAL B 515 0.22 -36.28 35.77
N GLU B 516 -0.24 -36.32 37.02
CA GLU B 516 -1.09 -37.41 37.46
C GLU B 516 -2.53 -37.16 37.04
N GLU B 517 -3.02 -35.99 37.40
CA GLU B 517 -4.39 -35.61 37.10
C GLU B 517 -4.37 -34.25 36.40
N PRO B 518 -4.57 -34.26 35.07
CA PRO B 518 -4.59 -33.02 34.30
C PRO B 518 -5.56 -31.98 34.86
N LYS B 519 -5.06 -30.77 35.07
CA LYS B 519 -5.89 -29.64 35.50
C LYS B 519 -5.49 -28.41 34.70
N ASP B 520 -6.39 -27.43 34.63
CA ASP B 520 -6.08 -26.13 34.05
C ASP B 520 -4.83 -25.53 34.67
N THR B 521 -4.07 -24.80 33.86
CA THR B 521 -2.87 -24.16 34.39
C THR B 521 -2.44 -23.03 33.45
N TYR B 522 -1.43 -22.26 33.87
CA TYR B 522 -0.90 -21.19 33.03
C TYR B 522 0.62 -21.29 32.92
N LEU B 523 1.11 -21.26 31.70
CA LEU B 523 2.54 -21.24 31.45
C LEU B 523 3.04 -19.81 31.62
N ASP B 524 4.00 -19.64 32.53
CA ASP B 524 4.54 -18.32 32.83
C ASP B 524 5.64 -17.96 31.83
N LEU B 525 5.40 -16.94 31.02
CA LEU B 525 6.38 -16.54 30.00
C LEU B 525 6.92 -15.15 30.26
N SER B 526 6.82 -14.70 31.51
CA SER B 526 7.23 -13.35 31.86
C SER B 526 8.73 -13.14 31.62
N GLU B 527 9.51 -14.22 31.65
CA GLU B 527 10.97 -14.10 31.53
C GLU B 527 11.46 -14.41 30.11
N PHE B 528 10.53 -14.68 29.21
CA PHE B 528 10.90 -14.95 27.83
C PHE B 528 10.68 -13.68 27.02
N GLY B 529 10.84 -13.77 25.70
CA GLY B 529 10.86 -12.56 24.88
C GLY B 529 9.60 -12.44 24.03
N LYS B 530 9.57 -13.22 22.97
CA LYS B 530 8.42 -13.22 22.06
C LYS B 530 8.43 -14.56 21.33
N GLY B 531 7.26 -15.07 21.02
CA GLY B 531 7.15 -16.31 20.24
C GLY B 531 5.81 -16.98 20.48
N VAL B 532 5.81 -18.32 20.37
CA VAL B 532 4.61 -19.10 20.67
C VAL B 532 5.01 -20.31 21.51
N ALA B 533 4.02 -20.96 22.10
CA ALA B 533 4.26 -22.15 22.89
C ALA B 533 3.30 -23.27 22.49
N PHE B 534 3.77 -24.51 22.63
CA PHE B 534 2.98 -25.68 22.32
C PHE B 534 2.93 -26.55 23.57
N VAL B 535 1.82 -27.22 23.76
CA VAL B 535 1.78 -28.29 24.75
C VAL B 535 1.23 -29.53 24.07
N ASN B 536 1.98 -30.62 24.16
CA ASN B 536 1.63 -31.85 23.50
C ASN B 536 1.19 -31.62 22.05
N GLY B 537 1.96 -30.79 21.34
CA GLY B 537 1.76 -30.59 19.91
C GLY B 537 0.70 -29.57 19.54
N GLN B 538 0.07 -28.96 20.54
CA GLN B 538 -0.98 -27.98 20.29
C GLN B 538 -0.49 -26.55 20.52
N ASN B 539 -0.69 -25.69 19.52
CA ASN B 539 -0.25 -24.30 19.59
C ASN B 539 -1.14 -23.47 20.52
N LEU B 540 -0.60 -23.09 21.67
CA LEU B 540 -1.33 -22.33 22.68
C LEU B 540 -1.56 -20.88 22.29
N GLY B 541 -0.78 -20.38 21.35
CA GLY B 541 -0.84 -18.96 21.00
C GLY B 541 0.47 -18.23 21.24
N ARG B 542 0.41 -16.90 21.13
CA ARG B 542 1.61 -16.07 21.20
C ARG B 542 1.87 -15.52 22.58
N PHE B 543 3.14 -15.29 22.87
CA PHE B 543 3.53 -14.53 24.05
C PHE B 543 4.46 -13.40 23.62
N TRP B 544 4.52 -12.37 24.46
CA TRP B 544 5.35 -11.21 24.21
C TRP B 544 5.54 -10.48 25.54
N ASN B 545 6.78 -10.27 25.94
CA ASN B 545 7.04 -9.74 27.28
C ASN B 545 6.63 -8.28 27.49
N VAL B 546 6.12 -7.63 26.45
CA VAL B 546 5.57 -6.31 26.60
C VAL B 546 4.23 -6.34 27.35
N GLY B 547 3.64 -7.53 27.47
CA GLY B 547 2.37 -7.67 28.17
C GLY B 547 1.23 -6.97 27.46
N PRO B 548 0.10 -6.78 28.16
CA PRO B 548 -0.13 -7.01 29.60
C PRO B 548 -0.19 -8.46 30.04
N THR B 549 -0.57 -9.36 29.14
CA THR B 549 -0.60 -10.77 29.49
C THR B 549 0.81 -11.34 29.36
N LEU B 550 1.28 -12.02 30.40
CA LEU B 550 2.61 -12.65 30.35
C LEU B 550 2.54 -14.17 30.49
N SER B 551 1.33 -14.72 30.37
CA SER B 551 1.12 -16.16 30.49
C SER B 551 0.40 -16.69 29.26
N LEU B 552 0.41 -18.01 29.11
CA LEU B 552 -0.48 -18.67 28.18
C LEU B 552 -1.30 -19.71 28.92
N TYR B 553 -2.62 -19.63 28.75
CA TYR B 553 -3.53 -20.54 29.41
C TYR B 553 -3.36 -21.93 28.81
N ILE B 554 -3.27 -22.94 29.67
CA ILE B 554 -3.29 -24.33 29.23
C ILE B 554 -4.53 -25.03 29.79
N PRO B 555 -5.51 -25.32 28.94
CA PRO B 555 -6.71 -26.05 29.38
C PRO B 555 -6.34 -27.45 29.83
N HIS B 556 -7.05 -27.97 30.81
CA HIS B 556 -6.77 -29.32 31.29
C HIS B 556 -6.76 -30.32 30.13
N SER B 557 -7.67 -30.14 29.17
CA SER B 557 -7.78 -31.09 28.07
C SER B 557 -6.56 -31.11 27.14
N TYR B 558 -5.71 -30.09 27.25
CA TYR B 558 -4.47 -30.05 26.47
C TYR B 558 -3.38 -30.91 27.09
N LEU B 559 -3.58 -31.25 28.37
CA LEU B 559 -2.62 -32.07 29.10
C LEU B 559 -3.02 -33.55 29.07
N LYS B 560 -2.04 -34.41 29.33
CA LYS B 560 -2.28 -35.85 29.37
C LYS B 560 -1.88 -36.41 30.73
N GLU B 561 -2.52 -37.49 31.15
CA GLU B 561 -2.03 -38.23 32.29
C GLU B 561 -0.66 -38.78 31.89
N GLY B 562 0.32 -38.65 32.77
CA GLY B 562 1.65 -39.16 32.50
C GLY B 562 2.54 -38.10 31.86
N ALA B 563 3.28 -38.49 30.84
CA ALA B 563 4.28 -37.62 30.24
C ALA B 563 3.66 -36.51 29.36
N ASN B 564 4.13 -35.29 29.58
CA ASN B 564 3.76 -34.13 28.78
C ASN B 564 5.00 -33.38 28.31
N ARG B 565 4.86 -32.67 27.20
CA ARG B 565 5.94 -31.83 26.70
C ARG B 565 5.43 -30.45 26.30
N ILE B 566 6.08 -29.41 26.82
CA ILE B 566 5.84 -28.06 26.37
C ILE B 566 7.00 -27.67 25.46
N ILE B 567 6.69 -27.06 24.32
CA ILE B 567 7.73 -26.52 23.46
C ILE B 567 7.54 -25.03 23.34
N ILE B 568 8.60 -24.28 23.62
CA ILE B 568 8.58 -22.84 23.46
C ILE B 568 9.40 -22.46 22.22
N PHE B 569 8.78 -21.73 21.31
CA PHE B 569 9.50 -21.12 20.20
C PHE B 569 9.75 -19.69 20.61
N GLU B 570 11.02 -19.35 20.79
CA GLU B 570 11.41 -18.01 21.21
C GLU B 570 12.24 -17.36 20.12
N THR B 571 11.92 -16.11 19.79
CA THR B 571 12.61 -15.44 18.68
C THR B 571 13.60 -14.37 19.10
N GLU B 572 13.61 -14.02 20.38
CA GLU B 572 14.37 -12.83 20.83
C GLU B 572 15.66 -13.15 21.56
N GLY B 573 15.93 -14.44 21.75
CA GLY B 573 17.20 -14.85 22.34
C GLY B 573 17.13 -15.23 23.81
N GLN B 574 15.99 -15.02 24.45
CA GLN B 574 15.87 -15.40 25.86
C GLN B 574 16.11 -16.91 26.01
N TYR B 575 16.69 -17.28 27.15
CA TYR B 575 17.08 -18.66 27.40
C TYR B 575 16.86 -18.98 28.89
N LYS B 576 16.03 -19.98 29.18
CA LYS B 576 15.80 -20.41 30.56
C LYS B 576 15.88 -21.93 30.67
N GLU B 577 16.60 -22.39 31.67
CA GLU B 577 16.78 -23.82 31.85
C GLU B 577 15.63 -24.47 32.61
N GLU B 578 14.70 -23.65 33.04
CA GLU B 578 13.50 -24.15 33.74
C GLU B 578 12.30 -23.24 33.47
N ILE B 579 11.10 -23.84 33.42
CA ILE B 579 9.85 -23.07 33.34
C ILE B 579 8.93 -23.45 34.50
N HIS B 580 7.91 -22.62 34.73
CA HIS B 580 6.96 -22.89 35.80
C HIS B 580 5.55 -22.75 35.27
N LEU B 581 4.64 -23.54 35.84
CA LEU B 581 3.21 -23.41 35.56
C LEU B 581 2.52 -22.88 36.82
N THR B 582 1.57 -21.97 36.64
CA THR B 582 0.92 -21.31 37.79
C THR B 582 -0.58 -21.53 37.78
N ARG B 583 -1.21 -21.35 38.94
CA ARG B 583 -2.65 -21.51 39.05
C ARG B 583 -3.41 -20.33 38.46
N LYS B 584 -2.77 -19.18 38.40
CA LYS B 584 -3.39 -17.97 37.86
C LYS B 584 -2.44 -17.30 36.88
N PRO B 585 -2.99 -16.51 35.95
CA PRO B 585 -2.18 -15.82 34.95
C PRO B 585 -1.23 -14.80 35.55
N THR B 586 -0.07 -14.64 34.92
CA THR B 586 0.87 -13.59 35.27
C THR B 586 0.59 -12.37 34.39
N LEU B 587 0.52 -11.20 35.01
CA LEU B 587 0.18 -9.98 34.29
C LEU B 587 1.29 -8.95 34.37
N LYS B 588 1.38 -8.11 33.34
CA LYS B 588 2.24 -6.94 33.37
C LYS B 588 1.38 -5.74 33.71
N HIS B 589 1.74 -5.05 34.78
CA HIS B 589 0.99 -3.86 35.16
C HIS B 589 1.46 -2.67 34.33
N ILE B 590 0.53 -2.07 33.61
CA ILE B 590 0.83 -1.00 32.68
C ILE B 590 0.06 0.25 33.10
N LYS B 591 0.70 1.40 33.02
CA LYS B 591 0.10 2.67 33.44
C LYS B 591 -1.28 2.85 32.79
N GLY B 592 -2.29 3.15 33.61
CA GLY B 592 -3.63 3.39 33.10
C GLY B 592 -4.56 2.21 33.30
N GLU B 593 -4.02 1.11 33.79
CA GLU B 593 -4.80 -0.10 34.00
C GLU B 593 -5.82 0.07 35.12
N ASN B 594 -6.81 -0.81 35.14
CA ASN B 594 -7.76 -0.88 36.24
C ASN B 594 -8.17 -2.32 36.49
N LEU B 595 -7.62 -2.90 37.54
CA LEU B 595 -7.90 -4.29 37.89
C LEU B 595 -8.86 -4.35 39.07
C1 GOL C . 14.43 34.86 -30.30
O1 GOL C . 15.00 36.15 -30.42
C2 GOL C . 13.05 34.82 -30.96
O2 GOL C . 13.06 33.85 -31.99
C3 GOL C . 12.01 34.42 -29.92
O3 GOL C . 12.47 34.73 -28.62
C1 GOL D . 27.50 11.78 -39.79
O1 GOL D . 28.19 11.08 -40.80
C2 GOL D . 28.46 12.76 -39.13
O2 GOL D . 28.75 13.81 -40.03
C3 GOL D . 27.78 13.34 -37.89
O3 GOL D . 26.56 13.88 -38.29
C1 GOL E . 13.14 29.03 -13.21
O1 GOL E . 12.01 29.62 -13.80
C2 GOL E . 14.41 29.43 -13.96
O2 GOL E . 15.44 28.52 -13.63
C3 GOL E . 14.18 29.39 -15.46
O3 GOL E . 15.43 29.47 -16.11
C1 GOL F . 36.26 -2.87 -9.55
O1 GOL F . 36.86 -4.08 -9.14
C2 GOL F . 35.14 -2.51 -8.59
O2 GOL F . 35.58 -2.71 -7.26
C3 GOL F . 34.74 -1.05 -8.78
O3 GOL F . 34.73 -0.37 -7.55
C1 GOL G . -3.01 -26.54 15.08
O1 GOL G . -3.81 -25.38 15.11
C2 GOL G . -1.85 -26.38 16.07
O2 GOL G . -2.35 -26.34 17.39
C3 GOL G . -0.90 -27.56 15.93
O3 GOL G . 0.31 -27.26 16.59
C1 GOL H . -7.80 -30.39 20.41
O1 GOL H . -7.02 -29.27 20.04
C2 GOL H . -7.66 -30.61 21.91
O2 GOL H . -7.42 -31.99 22.15
C3 GOL H . -8.95 -30.19 22.61
O3 GOL H . -8.73 -30.12 24.00
C1 GOL I . -30.35 5.95 32.58
O1 GOL I . -31.02 6.31 33.77
C2 GOL I . -29.00 5.38 32.95
O2 GOL I . -29.19 4.34 33.88
C3 GOL I . -28.29 4.84 31.71
O3 GOL I . -29.19 4.06 30.96
C1 GOL J . -2.73 -21.38 13.25
O1 GOL J . -3.48 -20.90 14.34
C2 GOL J . -1.91 -22.58 13.71
O2 GOL J . -1.80 -22.53 15.12
C3 GOL J . -0.52 -22.57 13.08
O3 GOL J . -0.56 -22.09 11.76
C1 GOL K . -33.54 6.76 14.10
O1 GOL K . -34.65 7.44 13.54
C2 GOL K . -32.59 7.79 14.69
O2 GOL K . -32.13 8.62 13.65
C3 GOL K . -31.40 7.09 15.36
O3 GOL K . -31.38 5.73 15.00
C1 GOL L . 7.76 -24.20 -7.26
O1 GOL L . 7.18 -24.65 -6.05
C2 GOL L . 9.21 -23.82 -7.00
O2 GOL L . 10.04 -24.57 -7.86
C3 GOL L . 9.54 -24.15 -5.54
O3 GOL L . 10.93 -24.06 -5.34
C1 GOL M . -37.94 -11.67 0.46
O1 GOL M . -38.81 -11.33 1.52
C2 GOL M . -36.56 -11.98 1.00
O2 GOL M . -36.60 -13.23 1.68
C3 GOL M . -35.58 -12.08 -0.18
O3 GOL M . -34.32 -12.53 0.27
C1 GOL N . -10.15 -28.73 35.44
O1 GOL N . -8.90 -28.22 35.83
C2 GOL N . -10.19 -30.24 35.70
O2 GOL N . -9.84 -30.49 37.05
C3 GOL N . -11.60 -30.75 35.43
O3 GOL N . -11.55 -31.61 34.31
C1 GOL O . -16.53 -21.43 -12.91
O1 GOL O . -17.07 -22.68 -12.54
C2 GOL O . -16.39 -20.56 -11.68
O2 GOL O . -16.33 -21.37 -10.52
C3 GOL O . -15.12 -19.73 -11.79
O3 GOL O . -15.09 -18.79 -10.74
#